data_8OP5
#
_entry.id   8OP5
#
_cell.length_a   1.00
_cell.length_b   1.00
_cell.length_c   1.00
_cell.angle_alpha   90.00
_cell.angle_beta   90.00
_cell.angle_gamma   90.00
#
_symmetry.space_group_name_H-M   'P 1'
#
loop_
_entity.id
_entity.type
_entity.pdbx_description
1 polymer 'Cation-transporting ATPase-like protein'
2 non-polymer "ADENOSINE-5'-DIPHOSPHATE"
3 non-polymer 'TETRAFLUOROALUMINATE ION'
4 non-polymer 'MAGNESIUM ION'
5 water water
#
_entity_poly.entity_id   1
_entity_poly.type   'polypeptide(L)'
_entity_poly.pdbx_seq_one_letter_code
;MAPLVDNPQIKSAELLRPLPLYQHAYVWPYVIVWPVFLRVYLTQELYDKYIGAQEWTFVWIISIVTFQTLTWLCTHWSVN
LNALFTAKKASSIEDAQLIKVIPVANAGAADICKLVRDKVGDNKTNISFLFQKRRFLWYPERKAFSTLEFDIDAEPKPTL
SKFQLSRGIESEDELKRLEQHYGTNTFDIPVPTFTELFKEHAVAPFFVFQVFCVGLWLLDEYWYYSLFTLVMLVVFESTV
VWQRQRTLTEFRSMSIKPYPIYVYRLGKWTEIQSDKLLPGDLVSVTRTKEDSGVACDMILVEGTAIVNEAMLSGESTPLL
KDSIQLRPGDAVLEVDGLDKNSLLWGGTKVLQITHGTAEEERPKPASGIPPPPDNGAMAVVTKTGFETSQGSLVRTMIYS
TERVSANNTEALLFILFLLVFALAASWYVWDEGVRKDRKRSKLLLDCILIITSVVPPELPMELSLAVNTSLSALAKFAIF
CTEPFRIPFAGRIDVACFDKTGTLTGEDLVVEGIAGLGLGHSGTDTPKEADGAHTRMVSVHDAGMETTLVLATAHALVKL
DEGEIVGDPMEKATLNALGWVLGKNDTLTSKPGNAASSGILGTVQIKRRFQFSSALKRQSSVATITATEVKTGRKLRGSF
VGVKGAPETIMKMLVTVPEHYEETYKYFTRRGSRVLALAYKQLTTEGELGANKINDLKRESVEADLHFAGFLVLQCPLKE
DAKQAVRMLNESSHRVVMITGDNPLTAVHVAKEVEIVDRDVLILDAPEHSVYGEESLVWRSVDDKIRIDVDPTKPIDPEI
LKTKDLCVTGYALNKFKGQVGWKSLLRYTWVYARVSPKQKEDILLGLKDMGYYTLMAGDGTNDVGALKQAHVGVALLNGT
QEDLNRIAEHTRNQKMKELYQKQVDLMARWGQPPPPVPAMIAHLYPPGPSNPHYQKAMEREAQKRGVTVEQLAKVNGTNV
TSNPAGVQQQSGQDAKKAKQVEAAKKAANFADKLTSSLMEAEMDDEPPTLKLGDASVAAPFTSKLRNVMAIPNILRQGRC
TLVATIQMYKILALNCLISAYSLSVLYLEGIKFGDGQITISGMLMSVCFLSISRARSVEGLSKERPQPNIFNFYIIGSIL
GQFAVHVATLIYIAQLCDQIEPRTEVIDLEAEFKPSLLNSAVYLLQLIQQISTFAVNYQGRPFRESLSENKGMFYGIVGV
TAIAFACSTEMLPELNEAMKLVPFNENFKTIMTTVMIIDFVACYVIEWVLKKLFSDLRARDIAERRPDQLERERVRKEKE
AREKEEEEERKERERIEAFERRLEEKRTRLVEAAAQREQQQQQWAQRR
;
_entity_poly.pdbx_strand_id   A
#
loop_
_chem_comp.id
_chem_comp.type
_chem_comp.name
_chem_comp.formula
ADP non-polymer ADENOSINE-5'-DIPHOSPHATE 'C10 H15 N5 O10 P2'
ALF non-polymer 'TETRAFLUOROALUMINATE ION' 'Al F4 -1'
MG non-polymer 'MAGNESIUM ION' 'Mg 2'
#
# COMPACT_ATOMS: atom_id res chain seq x y z
N ALA A 2 26.20 -0.72 25.76
CA ALA A 2 25.90 0.69 25.56
C ALA A 2 24.47 0.98 25.04
N PRO A 3 23.97 0.29 24.01
CA PRO A 3 22.59 0.57 23.60
C PRO A 3 21.60 -0.09 24.57
N LEU A 4 20.68 0.70 25.09
CA LEU A 4 19.70 0.17 26.04
C LEU A 4 18.78 -0.83 25.37
N VAL A 5 18.32 -0.54 24.16
CA VAL A 5 17.41 -1.40 23.42
C VAL A 5 18.12 -1.88 22.15
N ASP A 6 18.20 -3.19 21.98
CA ASP A 6 18.86 -3.80 20.82
C ASP A 6 17.78 -4.18 19.80
N ASN A 7 17.49 -3.25 18.89
CA ASN A 7 16.52 -3.50 17.83
C ASN A 7 16.79 -2.51 16.68
N PRO A 8 16.66 -2.96 15.43
CA PRO A 8 16.93 -2.05 14.30
C PRO A 8 15.93 -0.90 14.18
N GLN A 9 14.73 -1.03 14.73
CA GLN A 9 13.68 -0.03 14.54
C GLN A 9 13.45 0.83 15.78
N ILE A 10 14.37 0.83 16.74
CA ILE A 10 14.30 1.69 17.91
C ILE A 10 15.57 2.49 18.00
N LYS A 11 15.44 3.82 17.99
CA LYS A 11 16.61 4.69 17.95
C LYS A 11 17.17 4.92 19.36
N SER A 12 16.38 5.51 20.24
CA SER A 12 16.84 5.93 21.55
C SER A 12 15.90 5.46 22.65
N ALA A 13 16.48 5.22 23.82
CA ALA A 13 15.72 4.84 25.00
C ALA A 13 16.43 5.35 26.23
N GLU A 14 15.66 5.86 27.19
CA GLU A 14 16.20 6.36 28.44
C GLU A 14 15.37 5.87 29.60
N LEU A 15 16.00 5.80 30.78
CA LEU A 15 15.33 5.36 32.00
C LEU A 15 14.91 6.58 32.81
N LEU A 16 13.67 6.59 33.26
CA LEU A 16 13.09 7.72 33.98
C LEU A 16 12.35 7.23 35.21
N ARG A 17 12.19 8.15 36.17
CA ARG A 17 11.49 7.91 37.42
C ARG A 17 10.31 8.86 37.53
N PRO A 18 9.23 8.43 38.18
CA PRO A 18 8.10 9.33 38.38
C PRO A 18 8.40 10.38 39.43
N LEU A 19 7.62 11.46 39.38
CA LEU A 19 7.72 12.56 40.33
C LEU A 19 6.34 12.89 40.87
N PRO A 20 6.25 13.40 42.10
CA PRO A 20 4.94 13.76 42.67
C PRO A 20 4.32 14.94 41.94
N LEU A 21 3.05 15.19 42.26
CA LEU A 21 2.27 16.20 41.55
C LEU A 21 2.80 17.61 41.82
N TYR A 22 3.27 17.86 43.04
CA TYR A 22 3.73 19.19 43.41
C TYR A 22 5.15 19.49 42.94
N GLN A 23 5.85 18.51 42.37
CA GLN A 23 7.20 18.72 41.88
C GLN A 23 7.26 18.83 40.35
N HIS A 24 6.11 18.82 39.68
CA HIS A 24 6.08 18.94 38.23
C HIS A 24 6.45 20.36 37.80
N ALA A 25 6.68 20.53 36.51
CA ALA A 25 7.15 21.79 35.97
C ALA A 25 6.04 22.81 35.78
N TYR A 26 4.78 22.45 36.02
CA TYR A 26 3.66 23.36 35.88
C TYR A 26 2.95 23.60 37.21
N VAL A 27 3.66 23.43 38.33
CA VAL A 27 3.07 23.66 39.64
C VAL A 27 3.90 24.66 40.42
N TRP A 28 5.18 24.36 40.66
CA TRP A 28 6.01 25.23 41.49
C TRP A 28 6.27 26.62 40.88
N PRO A 29 6.63 26.76 39.59
CA PRO A 29 6.88 28.14 39.10
C PRO A 29 5.62 29.00 39.13
N TYR A 30 4.47 28.43 38.82
CA TYR A 30 3.24 29.22 38.87
C TYR A 30 2.80 29.48 40.30
N VAL A 31 3.07 28.56 41.23
CA VAL A 31 2.73 28.83 42.63
C VAL A 31 3.72 29.78 43.29
N ILE A 32 4.85 30.09 42.64
CA ILE A 32 5.72 31.13 43.18
C ILE A 32 5.48 32.44 42.43
N VAL A 33 4.88 32.36 41.24
CA VAL A 33 4.57 33.58 40.49
C VAL A 33 3.25 34.19 40.99
N TRP A 34 2.25 33.35 41.25
CA TRP A 34 0.92 33.84 41.62
C TRP A 34 0.88 34.75 42.85
N PRO A 35 1.55 34.46 43.98
CA PRO A 35 1.49 35.40 45.11
C PRO A 35 2.13 36.75 44.81
N VAL A 36 3.12 36.82 43.92
CA VAL A 36 3.72 38.10 43.56
C VAL A 36 2.70 38.99 42.86
N PHE A 37 1.98 38.42 41.88
CA PHE A 37 0.94 39.17 41.19
C PHE A 37 -0.22 39.51 42.14
N LEU A 38 -0.52 38.60 43.06
CA LEU A 38 -1.59 38.87 44.03
C LEU A 38 -1.22 40.05 44.94
N ARG A 39 0.04 40.10 45.39
CA ARG A 39 0.49 41.20 46.22
C ARG A 39 0.54 42.51 45.43
N VAL A 40 0.92 42.44 44.15
CA VAL A 40 0.93 43.63 43.32
C VAL A 40 -0.49 44.16 43.12
N TYR A 41 -1.45 43.27 42.86
CA TYR A 41 -2.83 43.68 42.68
C TYR A 41 -3.43 44.23 43.98
N LEU A 42 -3.10 43.61 45.11
CA LEU A 42 -3.65 44.05 46.40
C LEU A 42 -3.03 45.35 46.88
N THR A 43 -1.91 45.77 46.32
CA THR A 43 -1.27 47.03 46.71
C THR A 43 -1.88 48.17 45.90
N GLN A 44 -2.35 49.20 46.59
CA GLN A 44 -3.03 50.30 45.91
C GLN A 44 -2.07 51.15 45.08
N GLU A 45 -0.89 51.47 45.63
CA GLU A 45 0.06 52.29 44.90
C GLU A 45 0.72 51.52 43.75
N LEU A 46 0.86 50.20 43.91
CA LEU A 46 1.44 49.39 42.85
C LEU A 46 0.41 49.03 41.79
N TYR A 47 -0.87 49.25 42.07
CA TYR A 47 -1.91 48.92 41.10
C TYR A 47 -1.93 49.94 39.95
N ASP A 48 -1.49 51.16 40.23
CA ASP A 48 -1.55 52.21 39.21
C ASP A 48 -0.55 51.95 38.08
N LYS A 49 0.63 51.45 38.42
CA LYS A 49 1.69 51.20 37.45
C LYS A 49 1.73 49.72 37.10
N TYR A 50 1.81 49.42 35.79
CA TYR A 50 1.94 48.10 35.17
C TYR A 50 0.65 47.30 35.21
N ILE A 51 -0.40 47.79 35.88
CA ILE A 51 -1.69 47.11 35.89
C ILE A 51 -2.73 48.04 35.30
N GLY A 52 -2.52 49.34 35.45
CA GLY A 52 -3.42 50.32 34.84
C GLY A 52 -4.82 50.23 35.41
N ALA A 53 -5.81 50.23 34.51
CA ALA A 53 -7.20 50.15 34.90
C ALA A 53 -7.62 48.69 35.13
N GLN A 54 -8.92 48.48 35.26
CA GLN A 54 -9.45 47.15 35.50
C GLN A 54 -9.48 46.32 34.22
N GLU A 55 -9.28 46.96 33.08
CA GLU A 55 -9.28 46.26 31.81
C GLU A 55 -8.02 45.42 31.59
N TRP A 56 -6.85 45.95 31.95
CA TRP A 56 -5.60 45.23 31.77
C TRP A 56 -5.42 44.11 32.80
N THR A 57 -6.19 44.12 33.89
CA THR A 57 -6.17 43.01 34.83
C THR A 57 -6.62 41.71 34.16
N PHE A 58 -7.67 41.80 33.34
CA PHE A 58 -8.10 40.64 32.55
C PHE A 58 -7.01 40.20 31.58
N VAL A 59 -6.27 41.16 31.00
CA VAL A 59 -5.19 40.82 30.09
C VAL A 59 -4.11 40.03 30.82
N TRP A 60 -3.71 40.49 32.01
CA TRP A 60 -2.67 39.79 32.76
C TRP A 60 -3.14 38.41 33.22
N ILE A 61 -4.41 38.32 33.66
CA ILE A 61 -4.94 37.04 34.11
C ILE A 61 -5.00 36.04 32.95
N ILE A 62 -5.46 36.50 31.78
CA ILE A 62 -5.53 35.63 30.61
C ILE A 62 -4.13 35.21 30.18
N SER A 63 -3.16 36.12 30.28
CA SER A 63 -1.79 35.78 29.89
C SER A 63 -1.20 34.70 30.80
N ILE A 64 -1.35 34.85 32.11
CA ILE A 64 -0.75 33.87 33.02
C ILE A 64 -1.49 32.53 32.92
N VAL A 65 -2.81 32.56 32.75
CA VAL A 65 -3.56 31.31 32.60
C VAL A 65 -3.19 30.62 31.29
N THR A 66 -2.99 31.39 30.23
CA THR A 66 -2.58 30.83 28.95
C THR A 66 -1.20 30.20 29.04
N PHE A 67 -0.27 30.86 29.75
CA PHE A 67 1.05 30.27 29.94
C PHE A 67 0.97 28.96 30.73
N GLN A 68 0.16 28.93 31.79
CA GLN A 68 0.02 27.70 32.57
C GLN A 68 -0.59 26.57 31.74
N THR A 69 -1.64 26.88 30.97
CA THR A 69 -2.28 25.86 30.14
C THR A 69 -1.35 25.37 29.04
N LEU A 70 -0.55 26.27 28.46
CA LEU A 70 0.42 25.86 27.45
C LEU A 70 1.49 24.96 28.05
N THR A 71 1.95 25.28 29.27
CA THR A 71 2.93 24.43 29.93
C THR A 71 2.35 23.05 30.23
N TRP A 72 1.08 23.00 30.63
CA TRP A 72 0.44 21.70 30.87
C TRP A 72 0.30 20.91 29.58
N LEU A 73 -0.12 21.56 28.49
CA LEU A 73 -0.35 20.86 27.23
C LEU A 73 0.95 20.48 26.53
N CYS A 74 2.07 21.13 26.86
CA CYS A 74 3.33 20.78 26.23
C CYS A 74 3.78 19.36 26.60
N THR A 75 3.35 18.86 27.76
CA THR A 75 3.66 17.49 28.12
C THR A 75 2.92 16.49 27.23
N HIS A 76 1.72 16.86 26.76
CA HIS A 76 0.96 15.98 25.88
C HIS A 76 1.36 16.13 24.42
N TRP A 77 1.83 17.31 24.01
CA TRP A 77 2.18 17.49 22.60
C TRP A 77 3.46 16.75 22.24
N SER A 78 4.49 16.81 23.08
CA SER A 78 5.79 16.25 22.76
C SER A 78 6.23 15.28 23.85
N VAL A 79 6.85 14.18 23.41
CA VAL A 79 7.35 13.18 24.35
C VAL A 79 8.61 13.66 25.06
N ASN A 80 9.48 14.40 24.36
CA ASN A 80 10.70 14.92 24.99
C ASN A 80 10.37 15.91 26.10
N LEU A 81 9.38 16.78 25.87
CA LEU A 81 8.98 17.71 26.91
C LEU A 81 8.26 17.01 28.04
N ASN A 82 7.55 15.91 27.74
CA ASN A 82 6.96 15.09 28.80
C ASN A 82 8.04 14.49 29.69
N ALA A 83 9.12 14.01 29.09
CA ALA A 83 10.21 13.45 29.88
C ALA A 83 10.94 14.53 30.66
N LEU A 84 11.08 15.73 30.08
CA LEU A 84 11.80 16.80 30.75
C LEU A 84 11.01 17.37 31.92
N PHE A 85 9.70 17.56 31.75
CA PHE A 85 8.90 18.22 32.79
C PHE A 85 8.54 17.28 33.93
N THR A 86 7.84 16.19 33.62
CA THR A 86 7.30 15.34 34.68
C THR A 86 8.35 14.39 35.24
N ALA A 87 9.01 13.63 34.38
CA ALA A 87 9.92 12.58 34.81
C ALA A 87 11.30 13.14 35.10
N LYS A 88 12.10 12.34 35.80
CA LYS A 88 13.46 12.68 36.17
C LYS A 88 14.38 11.51 35.84
N LYS A 89 15.59 11.82 35.37
CA LYS A 89 16.53 10.79 34.95
C LYS A 89 16.92 9.89 36.12
N ALA A 90 17.13 8.62 35.82
CA ALA A 90 17.48 7.61 36.82
C ALA A 90 18.86 7.03 36.49
N SER A 91 19.57 6.60 37.53
CA SER A 91 20.95 6.17 37.36
C SER A 91 21.03 4.72 36.88
N SER A 92 20.44 3.79 37.63
CA SER A 92 20.59 2.38 37.34
C SER A 92 19.22 1.71 37.23
N ILE A 93 19.22 0.46 36.77
CA ILE A 93 17.98 -0.28 36.56
C ILE A 93 17.35 -0.69 37.88
N GLU A 94 18.09 -0.61 38.99
CA GLU A 94 17.52 -0.97 40.29
C GLU A 94 16.47 0.03 40.73
N ASP A 95 16.63 1.31 40.39
CA ASP A 95 15.67 2.36 40.70
C ASP A 95 15.19 2.98 39.39
N ALA A 96 14.19 2.36 38.78
CA ALA A 96 13.60 2.84 37.54
C ALA A 96 12.21 2.25 37.39
N GLN A 97 11.27 3.11 36.99
CA GLN A 97 9.90 2.68 36.78
C GLN A 97 9.32 3.06 35.43
N LEU A 98 9.92 4.00 34.70
CA LEU A 98 9.42 4.40 33.40
C LEU A 98 10.57 4.35 32.40
N ILE A 99 10.24 4.15 31.13
CA ILE A 99 11.25 4.16 30.07
C ILE A 99 10.72 4.98 28.89
N LYS A 100 11.51 5.96 28.46
CA LYS A 100 11.19 6.76 27.29
C LYS A 100 11.77 6.07 26.07
N VAL A 101 10.90 5.72 25.12
CA VAL A 101 11.30 5.00 23.91
C VAL A 101 10.94 5.85 22.71
N ILE A 102 11.92 6.09 21.85
CA ILE A 102 11.74 6.88 20.63
C ILE A 102 12.17 6.02 19.46
N PRO A 103 11.30 5.75 18.49
CA PRO A 103 11.67 4.85 17.39
C PRO A 103 12.41 5.57 16.28
N VAL A 104 12.82 4.79 15.29
CA VAL A 104 13.45 5.35 14.10
C VAL A 104 12.40 6.10 13.28
N ALA A 105 12.88 6.89 12.32
CA ALA A 105 11.99 7.73 11.51
C ALA A 105 11.00 6.87 10.70
N ASN A 106 9.77 7.36 10.61
CA ASN A 106 8.67 6.70 9.89
C ASN A 106 8.42 5.29 10.43
N ALA A 107 8.41 5.15 11.76
CA ALA A 107 8.16 3.86 12.39
C ALA A 107 7.27 4.03 13.61
N GLY A 108 6.26 4.88 13.52
CA GLY A 108 5.29 5.03 14.58
C GLY A 108 5.52 6.27 15.42
N ALA A 109 5.08 6.19 16.68
CA ALA A 109 5.15 7.31 17.61
C ALA A 109 5.90 6.91 18.88
N ALA A 110 6.72 7.82 19.38
CA ALA A 110 7.44 7.60 20.62
C ALA A 110 6.49 7.64 21.81
N ASP A 111 6.93 7.07 22.93
CA ASP A 111 6.10 7.06 24.12
C ASP A 111 6.93 6.85 25.37
N ILE A 112 6.24 6.76 26.50
CA ILE A 112 6.84 6.51 27.81
C ILE A 112 6.19 5.24 28.35
N CYS A 113 6.84 4.11 28.12
CA CYS A 113 6.32 2.83 28.58
C CYS A 113 6.64 2.62 30.06
N LYS A 114 5.92 1.67 30.66
CA LYS A 114 6.01 1.39 32.07
C LYS A 114 6.68 0.04 32.29
N LEU A 115 7.75 0.02 33.08
CA LEU A 115 8.41 -1.22 33.43
C LEU A 115 7.52 -2.09 34.31
N VAL A 116 7.64 -3.40 34.14
CA VAL A 116 6.97 -4.36 35.00
C VAL A 116 7.98 -5.42 35.44
N ARG A 117 7.87 -5.84 36.70
CA ARG A 117 8.76 -6.79 37.32
C ARG A 117 7.97 -7.99 37.82
N ASP A 118 8.55 -9.17 37.66
CA ASP A 118 7.91 -10.39 38.15
C ASP A 118 8.98 -11.41 38.51
N LYS A 119 8.62 -12.33 39.41
CA LYS A 119 9.51 -13.40 39.83
C LYS A 119 9.05 -14.74 39.26
N THR A 125 13.55 -9.84 39.21
CA THR A 125 14.23 -10.88 38.44
C THR A 125 13.89 -10.77 36.95
N ASN A 126 12.60 -10.75 36.65
CA ASN A 126 12.11 -10.69 35.27
C ASN A 126 11.56 -9.29 35.01
N ILE A 127 12.26 -8.52 34.18
CA ILE A 127 11.92 -7.14 33.90
C ILE A 127 11.52 -7.03 32.43
N SER A 128 10.36 -6.44 32.18
CA SER A 128 9.85 -6.36 30.81
C SER A 128 8.96 -5.13 30.65
N PHE A 129 8.68 -4.80 29.39
CA PHE A 129 7.72 -3.75 29.09
C PHE A 129 7.13 -4.00 27.71
N LEU A 130 6.17 -3.15 27.33
CA LEU A 130 5.46 -3.26 26.07
C LEU A 130 5.61 -1.96 25.27
N PHE A 131 6.00 -2.10 24.01
CA PHE A 131 6.11 -0.98 23.09
C PHE A 131 5.46 -1.38 21.77
N GLN A 132 4.44 -0.63 21.35
CA GLN A 132 3.67 -0.89 20.13
C GLN A 132 3.15 -2.32 20.10
N LYS A 133 2.60 -2.77 21.23
CA LYS A 133 2.09 -4.12 21.43
C LYS A 133 3.15 -5.19 21.21
N ARG A 134 4.42 -4.85 21.38
CA ARG A 134 5.51 -5.81 21.29
C ARG A 134 6.21 -5.88 22.64
N ARG A 135 6.50 -7.09 23.10
CA ARG A 135 7.05 -7.28 24.43
C ARG A 135 8.58 -7.29 24.37
N PHE A 136 9.20 -6.42 25.16
CA PHE A 136 10.65 -6.36 25.30
C PHE A 136 11.04 -6.80 26.70
N LEU A 137 12.18 -7.49 26.79
CA LEU A 137 12.64 -8.10 28.03
C LEU A 137 14.08 -7.68 28.27
N TRP A 138 14.43 -7.47 29.55
CA TRP A 138 15.78 -7.06 29.93
C TRP A 138 16.63 -8.31 30.16
N TYR A 139 17.77 -8.39 29.46
CA TYR A 139 18.68 -9.51 29.65
C TYR A 139 19.91 -9.02 30.42
N PRO A 140 20.16 -9.53 31.63
CA PRO A 140 21.28 -8.99 32.43
C PRO A 140 22.65 -9.33 31.88
N GLU A 141 22.79 -10.44 31.15
CA GLU A 141 24.09 -10.79 30.60
C GLU A 141 24.54 -9.81 29.53
N ARG A 142 23.62 -9.41 28.64
CA ARG A 142 23.91 -8.44 27.60
C ARG A 142 23.76 -7.00 28.06
N LYS A 143 23.18 -6.79 29.25
CA LYS A 143 22.93 -5.45 29.80
C LYS A 143 22.11 -4.58 28.85
N ALA A 144 21.05 -5.16 28.28
CA ALA A 144 20.21 -4.44 27.33
C ALA A 144 18.84 -5.08 27.26
N PHE A 145 17.89 -4.32 26.71
CA PHE A 145 16.57 -4.86 26.40
C PHE A 145 16.56 -5.43 24.99
N SER A 146 15.79 -6.49 24.79
CA SER A 146 15.70 -7.10 23.47
C SER A 146 14.37 -7.84 23.36
N THR A 147 14.07 -8.28 22.14
CA THR A 147 12.82 -8.97 21.87
C THR A 147 12.89 -10.40 22.42
N LEU A 148 11.73 -11.05 22.48
CA LEU A 148 11.62 -12.40 23.02
C LEU A 148 12.40 -13.40 22.16
N GLU A 149 12.97 -14.40 22.82
CA GLU A 149 13.71 -15.46 22.15
C GLU A 149 12.92 -16.76 22.25
N PHE A 150 12.70 -17.41 21.11
CA PHE A 150 11.91 -18.62 21.04
C PHE A 150 12.80 -19.86 20.97
N ASP A 151 12.16 -21.02 20.88
CA ASP A 151 12.88 -22.28 20.90
C ASP A 151 13.58 -22.55 19.57
N ILE A 152 12.97 -22.15 18.45
CA ILE A 152 13.54 -22.44 17.15
C ILE A 152 14.61 -21.42 16.73
N ASP A 153 14.69 -20.28 17.42
CA ASP A 153 15.64 -19.22 17.08
C ASP A 153 16.87 -19.20 17.98
N ALA A 154 17.21 -20.36 18.56
CA ALA A 154 18.42 -20.44 19.38
C ALA A 154 19.65 -20.28 18.50
N GLU A 155 20.71 -19.68 19.07
CA GLU A 155 21.95 -19.49 18.32
C GLU A 155 22.57 -20.81 17.86
N PRO A 156 22.67 -21.86 18.70
CA PRO A 156 22.89 -23.20 18.11
C PRO A 156 21.56 -23.82 17.71
N LYS A 157 21.45 -24.24 16.46
CA LYS A 157 20.18 -24.77 15.97
C LYS A 157 19.85 -26.08 16.68
N PRO A 158 18.64 -26.23 17.20
CA PRO A 158 18.31 -27.45 17.96
C PRO A 158 18.29 -28.68 17.08
N THR A 159 18.66 -29.82 17.68
CA THR A 159 18.59 -31.09 16.98
C THR A 159 17.14 -31.53 16.83
N LEU A 160 16.89 -32.33 15.80
CA LEU A 160 15.53 -32.78 15.50
C LEU A 160 15.01 -33.79 16.52
N SER A 161 15.88 -34.38 17.35
CA SER A 161 15.41 -35.25 18.41
C SER A 161 14.67 -34.48 19.49
N LYS A 162 14.91 -33.17 19.60
CA LYS A 162 14.15 -32.34 20.54
C LYS A 162 12.69 -32.23 20.14
N PHE A 163 12.41 -32.18 18.83
CA PHE A 163 11.05 -32.08 18.33
C PHE A 163 10.40 -33.44 18.11
N GLN A 164 11.18 -34.45 17.72
CA GLN A 164 10.61 -35.76 17.47
C GLN A 164 10.19 -36.45 18.76
N LEU A 165 10.99 -36.33 19.80
CA LEU A 165 10.74 -37.01 21.07
C LEU A 165 9.95 -36.16 22.06
N SER A 166 9.53 -34.96 21.67
CA SER A 166 8.77 -34.10 22.57
C SER A 166 7.40 -34.69 22.86
N ARG A 167 6.94 -34.52 24.10
CA ARG A 167 5.65 -35.04 24.55
C ARG A 167 4.75 -33.94 25.09
N GLY A 168 5.02 -32.69 24.73
CA GLY A 168 4.23 -31.58 25.22
C GLY A 168 4.62 -31.20 26.64
N ILE A 169 3.93 -30.19 27.15
CA ILE A 169 4.16 -29.73 28.51
C ILE A 169 3.51 -30.68 29.49
N GLU A 170 4.29 -31.17 30.45
CA GLU A 170 3.83 -32.20 31.38
C GLU A 170 3.72 -31.71 32.81
N SER A 171 4.10 -30.47 33.10
CA SER A 171 4.03 -29.91 34.44
C SER A 171 3.19 -28.64 34.43
N GLU A 172 2.33 -28.50 35.45
CA GLU A 172 1.49 -27.32 35.54
C GLU A 172 2.29 -26.07 35.88
N ASP A 173 3.39 -26.23 36.64
CA ASP A 173 4.26 -25.10 36.93
C ASP A 173 4.89 -24.55 35.67
N GLU A 174 5.34 -25.44 34.77
CA GLU A 174 5.86 -25.00 33.48
C GLU A 174 4.78 -24.35 32.63
N LEU A 175 3.54 -24.84 32.74
CA LEU A 175 2.43 -24.22 32.03
C LEU A 175 2.21 -22.78 32.51
N LYS A 176 2.21 -22.57 33.82
CA LYS A 176 2.05 -21.23 34.37
C LYS A 176 3.22 -20.33 33.98
N ARG A 177 4.44 -20.88 34.01
CA ARG A 177 5.61 -20.09 33.62
C ARG A 177 5.53 -19.68 32.15
N LEU A 178 5.11 -20.59 31.27
CA LEU A 178 4.98 -20.26 29.86
C LEU A 178 3.88 -19.24 29.63
N GLU A 179 2.76 -19.36 30.35
CA GLU A 179 1.68 -18.39 30.22
C GLU A 179 2.14 -17.01 30.67
N GLN A 180 2.91 -16.94 31.75
CA GLN A 180 3.42 -15.66 32.21
C GLN A 180 4.45 -15.09 31.24
N HIS A 181 5.32 -15.94 30.69
CA HIS A 181 6.42 -15.47 29.85
C HIS A 181 5.93 -15.00 28.49
N TYR A 182 5.08 -15.78 27.83
CA TYR A 182 4.72 -15.51 26.45
C TYR A 182 3.35 -14.88 26.28
N GLY A 183 2.41 -15.15 27.19
CA GLY A 183 1.07 -14.62 27.07
C GLY A 183 0.17 -15.50 26.22
N THR A 184 -1.07 -15.06 26.09
CA THR A 184 -2.06 -15.81 25.33
C THR A 184 -1.85 -15.64 23.83
N ASN A 185 -2.50 -16.52 23.07
CA ASN A 185 -2.40 -16.51 21.61
C ASN A 185 -3.59 -15.73 21.03
N THR A 186 -3.51 -14.42 21.19
CA THR A 186 -4.57 -13.53 20.71
C THR A 186 -3.94 -12.31 20.05
N PHE A 187 -4.70 -11.72 19.12
CA PHE A 187 -4.30 -10.47 18.48
C PHE A 187 -4.87 -9.32 19.31
N ASP A 188 -3.99 -8.58 19.98
CA ASP A 188 -4.41 -7.51 20.89
C ASP A 188 -4.62 -6.23 20.10
N ILE A 189 -5.78 -6.14 19.46
CA ILE A 189 -6.17 -4.94 18.72
C ILE A 189 -7.45 -4.39 19.33
N PRO A 190 -7.37 -3.52 20.34
CA PRO A 190 -8.58 -3.02 20.99
C PRO A 190 -9.11 -1.75 20.34
N VAL A 191 -10.42 -1.71 20.14
CA VAL A 191 -11.12 -0.54 19.63
C VAL A 191 -11.76 0.19 20.80
N PRO A 192 -11.42 1.46 21.04
CA PRO A 192 -11.98 2.20 22.17
C PRO A 192 -13.27 2.91 21.80
N THR A 193 -13.93 3.45 22.82
CA THR A 193 -15.20 4.11 22.66
C THR A 193 -15.02 5.55 22.15
N PHE A 194 -16.13 6.26 22.04
CA PHE A 194 -16.10 7.63 21.51
C PHE A 194 -15.42 8.57 22.49
N THR A 195 -15.64 8.38 23.80
CA THR A 195 -15.11 9.30 24.80
C THR A 195 -13.59 9.29 24.83
N GLU A 196 -12.99 8.10 24.77
CA GLU A 196 -11.52 8.01 24.79
C GLU A 196 -10.91 8.67 23.56
N LEU A 197 -11.48 8.42 22.38
CA LEU A 197 -10.96 9.03 21.16
C LEU A 197 -11.12 10.54 21.19
N PHE A 198 -12.26 11.03 21.71
CA PHE A 198 -12.47 12.47 21.76
C PHE A 198 -11.52 13.13 22.76
N LYS A 199 -11.29 12.50 23.91
CA LYS A 199 -10.33 13.07 24.86
C LYS A 199 -8.90 12.98 24.34
N GLU A 200 -8.62 12.00 23.47
CA GLU A 200 -7.31 11.95 22.83
C GLU A 200 -7.16 12.99 21.72
N HIS A 201 -8.27 13.39 21.10
CA HIS A 201 -8.24 14.33 19.99
C HIS A 201 -8.47 15.77 20.40
N ALA A 202 -9.01 16.02 21.59
CA ALA A 202 -9.28 17.38 22.06
C ALA A 202 -8.06 18.05 22.67
N VAL A 203 -6.87 17.47 22.51
CA VAL A 203 -5.64 17.99 23.05
C VAL A 203 -4.68 18.41 21.94
N ALA A 204 -4.97 18.01 20.70
CA ALA A 204 -4.12 18.26 19.55
C ALA A 204 -3.93 19.76 19.33
N PRO A 205 -2.77 20.18 18.81
CA PRO A 205 -2.46 21.62 18.73
C PRO A 205 -3.36 22.40 17.79
N PHE A 206 -4.10 21.76 16.90
CA PHE A 206 -5.00 22.47 16.00
C PHE A 206 -6.46 22.37 16.43
N PHE A 207 -6.74 21.76 17.57
CA PHE A 207 -8.08 21.83 18.17
C PHE A 207 -8.15 22.84 19.30
N VAL A 208 -7.06 23.02 20.05
CA VAL A 208 -7.01 24.04 21.08
C VAL A 208 -7.05 25.43 20.45
N PHE A 209 -6.42 25.60 19.29
CA PHE A 209 -6.35 26.89 18.63
C PHE A 209 -7.74 27.37 18.21
N GLN A 210 -8.60 26.47 17.73
CA GLN A 210 -9.93 26.89 17.31
C GLN A 210 -10.80 27.26 18.50
N VAL A 211 -10.64 26.58 19.63
CA VAL A 211 -11.35 26.96 20.84
C VAL A 211 -10.87 28.31 21.35
N PHE A 212 -9.56 28.56 21.24
CA PHE A 212 -9.02 29.87 21.61
C PHE A 212 -9.57 30.96 20.70
N CYS A 213 -9.70 30.68 19.41
CA CYS A 213 -10.28 31.64 18.48
C CYS A 213 -11.76 31.90 18.81
N VAL A 214 -12.48 30.84 19.20
CA VAL A 214 -13.88 30.99 19.61
C VAL A 214 -13.97 31.90 20.84
N GLY A 215 -13.08 31.70 21.80
CA GLY A 215 -13.05 32.57 22.97
C GLY A 215 -12.71 34.01 22.62
N LEU A 216 -11.77 34.21 21.68
CA LEU A 216 -11.42 35.55 21.24
C LEU A 216 -12.59 36.25 20.58
N TRP A 217 -13.36 35.52 19.76
CA TRP A 217 -14.56 36.09 19.15
C TRP A 217 -15.65 36.34 20.18
N LEU A 218 -15.73 35.49 21.21
CA LEU A 218 -16.73 35.68 22.26
C LEU A 218 -16.41 36.88 23.14
N LEU A 219 -15.13 37.21 23.31
CA LEU A 219 -14.77 38.41 24.06
C LEU A 219 -15.22 39.69 23.39
N ASP A 220 -15.45 39.68 22.08
CA ASP A 220 -15.86 40.87 21.35
C ASP A 220 -17.37 40.96 21.18
N GLU A 221 -18.14 40.32 22.08
CA GLU A 221 -19.60 40.34 22.11
C GLU A 221 -20.25 39.78 20.86
N TYR A 222 -19.69 38.72 20.27
CA TYR A 222 -20.35 37.97 19.21
C TYR A 222 -20.94 36.71 19.80
N TRP A 223 -22.26 36.66 19.95
CA TRP A 223 -22.92 35.56 20.60
C TRP A 223 -23.68 34.64 19.65
N TYR A 224 -23.62 34.88 18.34
CA TYR A 224 -24.24 34.00 17.36
C TYR A 224 -23.24 33.33 16.43
N TYR A 225 -22.09 33.97 16.20
CA TYR A 225 -21.06 33.36 15.37
C TYR A 225 -20.31 32.25 16.11
N SER A 226 -20.02 32.48 17.40
CA SER A 226 -19.22 31.54 18.18
C SER A 226 -19.92 30.21 18.33
N LEU A 227 -21.24 30.23 18.58
CA LEU A 227 -22.01 28.99 18.68
C LEU A 227 -21.94 28.20 17.38
N PHE A 228 -22.07 28.89 16.24
CA PHE A 228 -22.06 28.24 14.94
C PHE A 228 -20.71 27.59 14.66
N THR A 229 -19.61 28.31 14.90
CA THR A 229 -18.30 27.73 14.62
C THR A 229 -17.96 26.62 15.62
N LEU A 230 -18.44 26.73 16.87
CA LEU A 230 -18.23 25.66 17.83
C LEU A 230 -18.96 24.40 17.42
N VAL A 231 -20.19 24.54 16.93
CA VAL A 231 -20.96 23.37 16.47
C VAL A 231 -20.28 22.73 15.27
N MET A 232 -19.80 23.55 14.32
CA MET A 232 -19.11 23.00 13.15
C MET A 232 -17.84 22.26 13.54
N LEU A 233 -17.06 22.83 14.47
CA LEU A 233 -15.84 22.16 14.93
C LEU A 233 -16.16 20.85 15.63
N VAL A 234 -17.21 20.83 16.45
CA VAL A 234 -17.59 19.62 17.17
C VAL A 234 -17.99 18.52 16.19
N VAL A 235 -18.80 18.85 15.17
CA VAL A 235 -19.23 17.81 14.25
C VAL A 235 -18.08 17.34 13.37
N PHE A 236 -17.14 18.22 13.03
CA PHE A 236 -15.96 17.76 12.27
C PHE A 236 -15.11 16.80 13.09
N GLU A 237 -14.88 17.11 14.38
CA GLU A 237 -14.13 16.19 15.23
C GLU A 237 -14.87 14.87 15.40
N SER A 238 -16.20 14.93 15.51
CA SER A 238 -16.98 13.70 15.63
C SER A 238 -16.85 12.82 14.41
N THR A 239 -16.90 13.40 13.21
CA THR A 239 -16.77 12.57 12.01
C THR A 239 -15.36 12.03 11.84
N VAL A 240 -14.34 12.78 12.28
CA VAL A 240 -12.98 12.25 12.24
C VAL A 240 -12.83 11.07 13.19
N VAL A 241 -13.39 11.19 14.39
CA VAL A 241 -13.34 10.09 15.37
C VAL A 241 -14.07 8.87 14.83
N TRP A 242 -15.23 9.07 14.19
CA TRP A 242 -15.96 7.94 13.63
C TRP A 242 -15.18 7.25 12.51
N GLN A 243 -14.49 8.03 11.67
CA GLN A 243 -13.66 7.43 10.63
C GLN A 243 -12.53 6.60 11.23
N ARG A 244 -11.88 7.13 12.27
CA ARG A 244 -10.79 6.36 12.90
C ARG A 244 -11.31 5.08 13.53
N GLN A 245 -12.48 5.14 14.18
CA GLN A 245 -13.06 3.95 14.78
C GLN A 245 -13.42 2.92 13.72
N ARG A 246 -13.95 3.36 12.57
CA ARG A 246 -14.27 2.44 11.49
C ARG A 246 -13.01 1.77 10.94
N THR A 247 -11.94 2.54 10.78
CA THR A 247 -10.68 1.95 10.32
C THR A 247 -10.14 0.92 11.31
N LEU A 248 -10.23 1.23 12.60
CA LEU A 248 -9.76 0.30 13.62
C LEU A 248 -10.59 -0.98 13.63
N THR A 249 -11.91 -0.87 13.44
CA THR A 249 -12.76 -2.06 13.37
C THR A 249 -12.43 -2.89 12.14
N GLU A 250 -12.17 -2.23 11.00
CA GLU A 250 -11.78 -2.95 9.80
C GLU A 250 -10.47 -3.71 10.01
N PHE A 251 -9.50 -3.09 10.70
CA PHE A 251 -8.26 -3.78 11.01
C PHE A 251 -8.50 -4.94 11.98
N ARG A 252 -9.40 -4.76 12.95
CA ARG A 252 -9.71 -5.80 13.90
C ARG A 252 -10.35 -7.01 13.22
N SER A 253 -11.09 -6.78 12.14
CA SER A 253 -11.76 -7.89 11.43
C SER A 253 -10.78 -8.87 10.75
N MET A 254 -9.45 -8.76 10.88
CA MET A 254 -8.53 -9.69 10.24
C MET A 254 -8.19 -10.89 11.11
N SER A 255 -8.46 -10.83 12.41
CA SER A 255 -8.07 -11.90 13.31
C SER A 255 -8.96 -13.13 13.12
N ILE A 256 -8.51 -14.25 13.69
CA ILE A 256 -9.17 -15.54 13.55
C ILE A 256 -9.99 -15.81 14.81
N LYS A 257 -11.26 -16.15 14.61
CA LYS A 257 -12.11 -16.51 15.74
C LYS A 257 -11.62 -17.81 16.36
N PRO A 258 -11.59 -17.91 17.69
CA PRO A 258 -11.12 -19.15 18.33
C PRO A 258 -12.06 -20.31 18.07
N TYR A 259 -11.47 -21.49 17.89
CA TYR A 259 -12.19 -22.72 17.66
C TYR A 259 -11.61 -23.82 18.54
N PRO A 260 -12.42 -24.79 18.95
CA PRO A 260 -11.90 -25.87 19.81
C PRO A 260 -10.85 -26.71 19.08
N ILE A 261 -9.87 -27.18 19.85
CA ILE A 261 -8.78 -27.98 19.31
C ILE A 261 -8.38 -29.01 20.35
N TYR A 262 -7.63 -30.03 19.92
CA TYR A 262 -7.18 -31.09 20.81
C TYR A 262 -5.70 -30.90 21.11
N VAL A 263 -5.35 -30.91 22.39
CA VAL A 263 -3.99 -30.67 22.84
C VAL A 263 -3.58 -31.78 23.81
N TYR A 264 -2.37 -32.29 23.65
CA TYR A 264 -1.82 -33.29 24.56
C TYR A 264 -1.20 -32.57 25.76
N ARG A 265 -1.90 -32.60 26.89
CA ARG A 265 -1.45 -31.95 28.12
C ARG A 265 -1.45 -32.97 29.25
N LEU A 266 -0.36 -33.00 30.02
CA LEU A 266 -0.24 -33.81 31.24
C LEU A 266 -0.51 -35.30 30.96
N GLY A 267 -0.11 -35.76 29.78
CA GLY A 267 -0.33 -37.14 29.42
C GLY A 267 -1.73 -37.50 28.99
N LYS A 268 -2.57 -36.51 28.68
CA LYS A 268 -3.93 -36.79 28.27
C LYS A 268 -4.35 -35.82 27.17
N TRP A 269 -5.24 -36.27 26.29
CA TRP A 269 -5.75 -35.43 25.22
C TRP A 269 -6.96 -34.64 25.73
N THR A 270 -6.80 -33.32 25.82
CA THR A 270 -7.85 -32.43 26.29
C THR A 270 -8.30 -31.52 25.17
N GLU A 271 -9.45 -30.88 25.39
CA GLU A 271 -10.03 -29.96 24.42
C GLU A 271 -9.80 -28.53 24.91
N ILE A 272 -8.97 -27.79 24.19
CA ILE A 272 -8.56 -26.44 24.56
C ILE A 272 -8.98 -25.50 23.44
N GLN A 273 -9.48 -24.31 23.82
CA GLN A 273 -9.78 -23.28 22.85
C GLN A 273 -8.51 -22.79 22.18
N SER A 274 -8.67 -22.26 20.97
CA SER A 274 -7.51 -21.91 20.13
C SER A 274 -6.73 -20.71 20.65
N ASP A 275 -7.25 -19.96 21.62
CA ASP A 275 -6.56 -18.80 22.15
C ASP A 275 -5.75 -19.10 23.39
N LYS A 276 -5.67 -20.36 23.81
CA LYS A 276 -4.94 -20.77 25.00
C LYS A 276 -3.84 -21.76 24.65
N LEU A 277 -3.10 -21.49 23.57
CA LEU A 277 -2.00 -22.33 23.13
C LEU A 277 -0.67 -21.70 23.50
N LEU A 278 0.28 -22.53 23.92
CA LEU A 278 1.60 -22.09 24.35
C LEU A 278 2.67 -22.82 23.54
N PRO A 279 3.84 -22.21 23.37
CA PRO A 279 4.93 -22.90 22.67
C PRO A 279 5.34 -24.18 23.40
N GLY A 280 5.67 -25.21 22.62
CA GLY A 280 5.99 -26.51 23.14
C GLY A 280 4.82 -27.47 23.20
N ASP A 281 3.60 -27.02 22.91
CA ASP A 281 2.45 -27.89 22.90
C ASP A 281 2.52 -28.89 21.75
N LEU A 282 1.82 -30.01 21.93
CA LEU A 282 1.70 -31.05 20.91
C LEU A 282 0.23 -31.10 20.51
N VAL A 283 -0.09 -30.48 19.39
CA VAL A 283 -1.48 -30.24 18.99
C VAL A 283 -1.80 -31.08 17.77
N SER A 284 -3.00 -31.65 17.76
CA SER A 284 -3.49 -32.42 16.63
C SER A 284 -4.21 -31.49 15.67
N VAL A 285 -3.76 -31.47 14.42
CA VAL A 285 -4.38 -30.67 13.37
C VAL A 285 -5.29 -31.56 12.53
N THR A 286 -6.35 -30.95 11.97
CA THR A 286 -7.28 -31.63 11.08
C THR A 286 -7.65 -30.69 9.94
N ARG A 287 -8.66 -31.07 9.15
CA ARG A 287 -9.09 -30.22 8.04
C ARG A 287 -9.80 -28.99 8.59
N THR A 288 -9.30 -27.81 8.22
CA THR A 288 -9.88 -26.56 8.70
C THR A 288 -11.21 -26.29 8.00
N LYS A 289 -12.05 -25.47 8.63
CA LYS A 289 -13.32 -25.08 8.06
C LYS A 289 -13.21 -23.73 7.37
N GLU A 290 -14.35 -23.25 6.87
CA GLU A 290 -14.40 -21.90 6.31
C GLU A 290 -14.25 -20.86 7.41
N ASP A 291 -13.67 -19.71 7.05
CA ASP A 291 -13.40 -18.56 7.91
C ASP A 291 -12.45 -18.89 9.05
N SER A 292 -11.68 -19.98 8.95
CA SER A 292 -10.74 -20.36 9.97
C SER A 292 -9.43 -20.83 9.33
N GLY A 293 -8.33 -20.56 10.01
CA GLY A 293 -7.03 -21.00 9.56
C GLY A 293 -6.25 -21.64 10.69
N VAL A 294 -4.99 -21.95 10.40
CA VAL A 294 -4.08 -22.45 11.43
C VAL A 294 -3.85 -21.35 12.45
N ALA A 295 -4.04 -21.67 13.73
CA ALA A 295 -4.02 -20.63 14.77
C ALA A 295 -2.63 -20.08 15.00
N CYS A 296 -1.61 -20.94 14.97
CA CYS A 296 -0.25 -20.52 15.28
C CYS A 296 0.72 -21.34 14.44
N ASP A 297 1.95 -20.85 14.37
CA ASP A 297 2.98 -21.54 13.58
C ASP A 297 3.33 -22.87 14.22
N MET A 298 3.32 -23.93 13.42
CA MET A 298 3.59 -25.28 13.89
C MET A 298 4.61 -25.94 12.98
N ILE A 299 5.28 -26.96 13.51
CA ILE A 299 6.18 -27.81 12.75
C ILE A 299 5.66 -29.23 12.87
N LEU A 300 5.48 -29.91 11.73
CA LEU A 300 4.88 -31.23 11.73
C LEU A 300 5.85 -32.27 12.29
N VAL A 301 5.30 -33.27 12.97
CA VAL A 301 6.08 -34.40 13.47
C VAL A 301 5.53 -35.75 13.03
N GLU A 302 4.31 -35.79 12.48
CA GLU A 302 3.73 -37.04 12.01
C GLU A 302 2.67 -36.72 10.97
N GLY A 303 2.52 -37.62 10.00
CA GLY A 303 1.52 -37.46 8.98
C GLY A 303 1.90 -36.44 7.93
N THR A 304 1.02 -36.31 6.93
CA THR A 304 1.21 -35.39 5.82
C THR A 304 -0.03 -34.51 5.69
N ALA A 305 0.20 -33.29 5.19
CA ALA A 305 -0.88 -32.32 5.01
C ALA A 305 -0.82 -31.74 3.61
N ILE A 306 -1.97 -31.31 3.13
CA ILE A 306 -2.11 -30.59 1.87
C ILE A 306 -2.75 -29.25 2.20
N VAL A 307 -1.99 -28.17 2.03
CA VAL A 307 -2.39 -26.85 2.51
C VAL A 307 -2.53 -25.89 1.34
N ASN A 308 -2.99 -24.68 1.64
CA ASN A 308 -3.22 -23.63 0.66
C ASN A 308 -2.78 -22.30 1.29
N GLU A 309 -1.55 -21.89 0.99
CA GLU A 309 -0.97 -20.70 1.61
C GLU A 309 -1.28 -19.44 0.79
N ALA A 310 -2.56 -19.09 0.75
CA ALA A 310 -3.00 -17.92 0.02
C ALA A 310 -2.83 -16.61 0.80
N MET A 311 -2.62 -16.70 2.11
CA MET A 311 -2.49 -15.48 2.91
C MET A 311 -1.10 -14.87 2.75
N LEU A 312 -0.06 -15.69 2.66
CA LEU A 312 1.30 -15.19 2.58
C LEU A 312 1.81 -15.02 1.16
N SER A 313 1.20 -15.70 0.19
CA SER A 313 1.55 -15.56 -1.22
C SER A 313 0.28 -15.47 -2.04
N GLY A 314 0.39 -14.82 -3.20
CA GLY A 314 -0.77 -14.68 -4.08
C GLY A 314 -1.23 -15.98 -4.71
N GLU A 315 -0.39 -17.02 -4.69
CA GLU A 315 -0.75 -18.29 -5.28
C GLU A 315 -1.83 -19.00 -4.45
N SER A 316 -2.63 -19.81 -5.13
CA SER A 316 -3.64 -20.63 -4.49
C SER A 316 -3.44 -22.11 -4.76
N THR A 317 -2.36 -22.50 -5.43
CA THR A 317 -2.10 -23.91 -5.67
C THR A 317 -1.70 -24.59 -4.37
N PRO A 318 -2.24 -25.77 -4.08
CA PRO A 318 -1.94 -26.45 -2.81
C PRO A 318 -0.48 -26.90 -2.73
N LEU A 319 0.03 -26.93 -1.51
CA LEU A 319 1.36 -27.43 -1.22
C LEU A 319 1.27 -28.69 -0.36
N LEU A 320 2.25 -29.59 -0.56
CA LEU A 320 2.26 -30.88 0.10
C LEU A 320 3.32 -30.84 1.21
N LYS A 321 2.86 -30.64 2.44
CA LYS A 321 3.75 -30.63 3.59
C LYS A 321 3.92 -32.04 4.14
N ASP A 322 5.16 -32.43 4.38
CA ASP A 322 5.48 -33.73 4.95
C ASP A 322 6.10 -33.55 6.34
N SER A 323 6.11 -34.64 7.10
CA SER A 323 6.63 -34.61 8.45
C SER A 323 8.14 -34.83 8.47
N ILE A 324 8.72 -34.72 9.66
CA ILE A 324 10.15 -34.95 9.85
C ILE A 324 10.34 -36.26 10.60
N GLN A 325 9.36 -37.15 10.47
CA GLN A 325 9.42 -38.43 11.17
C GLN A 325 10.54 -39.31 10.65
N LEU A 326 10.69 -39.39 9.32
CA LEU A 326 11.70 -40.25 8.72
C LEU A 326 13.08 -39.63 8.69
N ARG A 327 13.21 -38.35 9.02
CA ARG A 327 14.50 -37.68 8.97
C ARG A 327 15.39 -38.19 10.11
N PRO A 328 16.64 -38.59 9.81
CA PRO A 328 17.54 -39.02 10.89
C PRO A 328 18.09 -37.84 11.67
N GLY A 329 17.30 -37.34 12.62
CA GLY A 329 17.66 -36.17 13.39
C GLY A 329 18.39 -36.44 14.69
N ASP A 330 18.94 -37.64 14.86
CA ASP A 330 19.70 -37.95 16.07
C ASP A 330 20.96 -37.09 16.15
N ALA A 331 21.64 -36.89 15.02
CA ALA A 331 22.85 -36.07 14.97
C ALA A 331 22.79 -34.99 13.92
N VAL A 332 21.64 -34.76 13.29
CA VAL A 332 21.51 -33.76 12.24
C VAL A 332 20.83 -32.52 12.81
N LEU A 333 21.50 -31.37 12.71
CA LEU A 333 20.93 -30.13 13.19
C LEU A 333 19.86 -29.62 12.23
N GLU A 334 18.83 -29.00 12.80
CA GLU A 334 17.71 -28.52 11.98
C GLU A 334 18.09 -27.25 11.22
N VAL A 335 17.75 -27.23 9.94
CA VAL A 335 17.91 -26.05 9.10
C VAL A 335 16.56 -25.72 8.48
N ASP A 336 16.38 -24.46 8.06
CA ASP A 336 15.13 -24.07 7.43
C ASP A 336 15.21 -24.18 5.91
N GLY A 337 16.39 -24.48 5.39
CA GLY A 337 16.52 -24.67 3.94
C GLY A 337 16.00 -26.03 3.49
N LEU A 338 16.47 -27.09 4.13
CA LEU A 338 16.05 -28.43 3.74
C LEU A 338 14.64 -28.75 4.25
N ASP A 339 14.31 -28.28 5.44
CA ASP A 339 13.04 -28.59 6.09
C ASP A 339 12.01 -27.47 5.94
N LYS A 340 12.01 -26.79 4.80
CA LYS A 340 11.02 -25.75 4.56
C LYS A 340 9.64 -26.33 4.26
N ASN A 341 9.56 -27.63 3.98
CA ASN A 341 8.31 -28.29 3.64
C ASN A 341 7.66 -28.99 4.83
N SER A 342 8.06 -28.66 6.05
CA SER A 342 7.49 -29.27 7.25
C SER A 342 6.93 -28.25 8.22
N LEU A 343 6.84 -26.98 7.84
CA LEU A 343 6.37 -25.93 8.72
C LEU A 343 5.00 -25.45 8.26
N LEU A 344 4.06 -25.37 9.21
CA LEU A 344 2.74 -24.83 8.95
C LEU A 344 2.67 -23.40 9.48
N TRP A 345 2.30 -22.47 8.61
CA TRP A 345 2.24 -21.06 8.98
C TRP A 345 0.84 -20.69 9.47
N GLY A 346 0.78 -19.64 10.28
CA GLY A 346 -0.50 -19.17 10.79
C GLY A 346 -1.20 -18.30 9.77
N GLY A 347 -2.49 -18.55 9.57
CA GLY A 347 -3.28 -17.83 8.60
C GLY A 347 -3.52 -18.57 7.30
N THR A 348 -3.04 -19.81 7.17
CA THR A 348 -3.28 -20.63 5.99
C THR A 348 -4.33 -21.69 6.32
N LYS A 349 -4.87 -22.29 5.26
CA LYS A 349 -5.93 -23.28 5.39
C LYS A 349 -5.40 -24.66 5.04
N VAL A 350 -5.67 -25.63 5.91
CA VAL A 350 -5.27 -27.01 5.69
C VAL A 350 -6.38 -27.70 4.92
N LEU A 351 -6.13 -28.00 3.64
CA LEU A 351 -7.14 -28.60 2.79
C LEU A 351 -7.36 -30.08 3.11
N GLN A 352 -6.28 -30.82 3.35
CA GLN A 352 -6.39 -32.26 3.49
C GLN A 352 -5.37 -32.77 4.50
N ILE A 353 -5.75 -33.80 5.25
CA ILE A 353 -4.84 -34.49 6.18
C ILE A 353 -4.78 -35.95 5.76
N THR A 354 -3.57 -36.45 5.50
CA THR A 354 -3.37 -37.81 5.04
C THR A 354 -2.30 -38.47 5.89
N HIS A 355 -2.40 -39.79 6.08
CA HIS A 355 -1.44 -40.53 6.87
C HIS A 355 -0.57 -41.47 6.04
N GLY A 356 -0.94 -41.73 4.79
CA GLY A 356 -0.15 -42.61 3.93
C GLY A 356 -0.26 -44.08 4.32
N PRO A 365 4.61 -44.29 16.95
CA PRO A 365 5.64 -43.30 16.59
C PRO A 365 6.86 -43.35 17.50
N ALA A 366 7.83 -42.47 17.25
CA ALA A 366 9.04 -42.44 18.07
C ALA A 366 8.76 -41.93 19.47
N SER A 367 7.84 -40.98 19.61
CA SER A 367 7.50 -40.46 20.93
C SER A 367 6.82 -41.52 21.80
N GLY A 368 5.93 -42.31 21.21
CA GLY A 368 5.23 -43.34 21.95
C GLY A 368 4.00 -42.83 22.64
N ILE A 369 3.10 -42.21 21.89
CA ILE A 369 1.87 -41.65 22.43
C ILE A 369 0.69 -42.18 21.62
N PRO A 370 -0.50 -42.31 22.21
CA PRO A 370 -1.66 -42.78 21.46
C PRO A 370 -2.09 -41.74 20.43
N PRO A 371 -2.75 -42.17 19.34
CA PRO A 371 -3.21 -41.21 18.35
C PRO A 371 -4.32 -40.33 18.91
N PRO A 372 -4.48 -39.11 18.40
CA PRO A 372 -5.55 -38.25 18.90
C PRO A 372 -6.90 -38.77 18.50
N PRO A 373 -7.96 -38.44 19.26
CA PRO A 373 -9.30 -38.94 18.91
C PRO A 373 -9.82 -38.47 17.56
N ASP A 374 -9.45 -37.27 17.11
CA ASP A 374 -9.93 -36.75 15.83
C ASP A 374 -9.15 -37.31 14.64
N ASN A 375 -8.12 -38.11 14.88
CA ASN A 375 -7.33 -38.78 13.84
C ASN A 375 -6.71 -37.79 12.86
N GLY A 376 -6.21 -36.67 13.39
CA GLY A 376 -5.47 -35.70 12.63
C GLY A 376 -3.96 -35.92 12.74
N ALA A 377 -3.23 -35.02 12.09
CA ALA A 377 -1.77 -35.07 12.19
C ALA A 377 -1.32 -34.45 13.51
N MET A 378 -0.06 -34.68 13.87
CA MET A 378 0.52 -34.14 15.08
C MET A 378 1.52 -33.06 14.73
N ALA A 379 1.48 -31.95 15.48
CA ALA A 379 2.38 -30.83 15.22
C ALA A 379 2.82 -30.23 16.54
N VAL A 380 3.95 -29.52 16.50
CA VAL A 380 4.52 -28.87 17.67
C VAL A 380 4.50 -27.36 17.43
N VAL A 381 3.94 -26.62 18.38
CA VAL A 381 3.81 -25.18 18.25
C VAL A 381 5.17 -24.52 18.41
N THR A 382 5.44 -23.49 17.62
CA THR A 382 6.71 -22.77 17.66
C THR A 382 6.54 -21.32 18.10
N LYS A 383 5.67 -20.56 17.45
CA LYS A 383 5.46 -19.15 17.77
C LYS A 383 3.98 -18.89 17.98
N THR A 384 3.67 -17.99 18.91
CA THR A 384 2.30 -17.65 19.23
C THR A 384 2.18 -16.15 19.43
N GLY A 385 0.98 -15.63 19.16
CA GLY A 385 0.69 -14.23 19.38
C GLY A 385 1.04 -13.34 18.21
N PHE A 386 1.68 -12.20 18.49
CA PHE A 386 2.09 -11.26 17.46
C PHE A 386 3.43 -11.63 16.83
N GLU A 387 4.08 -12.69 17.29
CA GLU A 387 5.41 -13.05 16.83
C GLU A 387 5.40 -13.97 15.62
N THR A 388 4.24 -14.41 15.15
CA THR A 388 4.18 -15.18 13.93
C THR A 388 4.42 -14.27 12.73
N SER A 389 4.59 -14.90 11.56
CA SER A 389 4.83 -14.12 10.34
C SER A 389 3.63 -13.25 9.99
N GLN A 390 2.43 -13.85 9.99
CA GLN A 390 1.22 -13.07 9.79
C GLN A 390 1.03 -12.07 10.93
N GLY A 391 1.33 -12.48 12.16
CA GLY A 391 1.21 -11.57 13.28
C GLY A 391 2.16 -10.39 13.19
N SER A 392 3.42 -10.65 12.80
CA SER A 392 4.38 -9.56 12.64
C SER A 392 3.97 -8.63 11.51
N LEU A 393 3.49 -9.18 10.40
CA LEU A 393 3.05 -8.34 9.29
C LEU A 393 1.86 -7.48 9.68
N VAL A 394 0.90 -8.05 10.41
CA VAL A 394 -0.26 -7.29 10.86
C VAL A 394 0.14 -6.21 11.86
N ARG A 395 1.05 -6.54 12.78
CA ARG A 395 1.49 -5.55 13.76
C ARG A 395 2.23 -4.39 13.10
N THR A 396 3.07 -4.69 12.11
CA THR A 396 3.75 -3.62 11.38
C THR A 396 2.75 -2.82 10.54
N MET A 397 1.71 -3.47 10.02
CA MET A 397 0.70 -2.77 9.22
C MET A 397 -0.11 -1.80 10.07
N ILE A 398 -0.49 -2.20 11.28
CA ILE A 398 -1.41 -1.39 12.08
C ILE A 398 -0.67 -0.27 12.81
N TYR A 399 0.26 -0.62 13.68
CA TYR A 399 0.84 0.37 14.60
C TYR A 399 2.06 1.06 13.99
N SER A 400 3.11 0.30 13.68
CA SER A 400 4.39 0.87 13.27
C SER A 400 4.43 1.02 11.75
N THR A 401 3.74 2.05 11.27
CA THR A 401 3.76 2.40 9.85
C THR A 401 3.71 3.92 9.71
N GLU A 402 4.18 4.39 8.56
CA GLU A 402 4.20 5.83 8.29
C GLU A 402 2.79 6.34 8.06
N ARG A 403 2.49 7.50 8.64
CA ARG A 403 1.18 8.11 8.49
C ARG A 403 1.04 8.76 7.11
N VAL A 404 -0.17 9.23 6.83
CA VAL A 404 -0.47 9.78 5.50
C VAL A 404 0.29 11.08 5.27
N SER A 405 0.37 11.94 6.29
CA SER A 405 1.12 13.19 6.22
C SER A 405 2.29 13.09 7.19
N ALA A 406 3.42 12.59 6.70
CA ALA A 406 4.55 12.30 7.58
C ALA A 406 5.35 13.55 7.91
N ASN A 407 5.81 14.27 6.89
CA ASN A 407 6.71 15.39 7.11
C ASN A 407 5.98 16.59 7.71
N ASN A 408 4.90 17.05 7.05
CA ASN A 408 4.16 18.25 7.44
C ASN A 408 5.06 19.46 7.58
N THR A 409 6.08 19.53 6.71
CA THR A 409 7.00 20.66 6.68
C THR A 409 6.72 21.61 5.53
N GLU A 410 5.61 21.41 4.82
CA GLU A 410 5.21 22.29 3.73
C GLU A 410 3.88 22.99 3.97
N ALA A 411 2.92 22.34 4.61
CA ALA A 411 1.69 23.03 5.01
C ALA A 411 1.95 24.00 6.16
N LEU A 412 2.80 23.59 7.11
CA LEU A 412 3.12 24.47 8.23
C LEU A 412 3.97 25.66 7.82
N LEU A 413 4.62 25.59 6.65
CA LEU A 413 5.28 26.76 6.09
C LEU A 413 4.33 27.60 5.23
N PHE A 414 3.34 26.97 4.61
CA PHE A 414 2.31 27.70 3.90
C PHE A 414 1.49 28.57 4.86
N ILE A 415 1.21 28.03 6.06
CA ILE A 415 0.50 28.81 7.07
C ILE A 415 1.31 30.03 7.47
N LEU A 416 2.63 29.87 7.62
CA LEU A 416 3.50 31.02 7.91
C LEU A 416 3.55 31.99 6.74
N PHE A 417 3.48 31.47 5.51
CA PHE A 417 3.44 32.33 4.33
C PHE A 417 2.21 33.23 4.34
N LEU A 418 1.06 32.69 4.75
CA LEU A 418 -0.13 33.54 4.92
C LEU A 418 0.00 34.45 6.13
N LEU A 419 0.65 33.96 7.19
CA LEU A 419 0.79 34.73 8.42
C LEU A 419 1.66 35.96 8.22
N VAL A 420 2.59 35.93 7.26
CA VAL A 420 3.39 37.12 6.95
C VAL A 420 2.49 38.25 6.44
N PHE A 421 1.58 37.92 5.51
CA PHE A 421 0.64 38.91 5.00
C PHE A 421 -0.27 39.42 6.11
N ALA A 422 -0.76 38.52 6.95
CA ALA A 422 -1.63 38.94 8.06
C ALA A 422 -0.87 39.83 9.04
N LEU A 423 0.40 39.52 9.30
CA LEU A 423 1.22 40.33 10.20
C LEU A 423 1.43 41.73 9.63
N ALA A 424 1.68 41.84 8.33
CA ALA A 424 1.83 43.15 7.71
C ALA A 424 0.55 43.96 7.82
N ALA A 425 -0.59 43.33 7.55
CA ALA A 425 -1.87 44.04 7.64
C ALA A 425 -2.15 44.48 9.07
N SER A 426 -1.88 43.61 10.05
CA SER A 426 -2.10 43.96 11.45
C SER A 426 -1.18 45.09 11.91
N TRP A 427 0.08 45.07 11.44
CA TRP A 427 1.00 46.14 11.80
C TRP A 427 0.52 47.48 11.25
N TYR A 428 0.06 47.49 9.99
CA TYR A 428 -0.46 48.73 9.43
C TYR A 428 -1.70 49.21 10.19
N VAL A 429 -2.58 48.27 10.57
CA VAL A 429 -3.77 48.63 11.33
C VAL A 429 -3.39 49.25 12.66
N TRP A 430 -2.43 48.64 13.36
CA TRP A 430 -2.00 49.16 14.67
C TRP A 430 -1.35 50.53 14.53
N ASP A 431 -0.55 50.73 13.49
CA ASP A 431 0.08 52.03 13.28
C ASP A 431 -0.96 53.12 13.01
N GLU A 432 -1.89 52.85 12.10
CA GLU A 432 -2.91 53.85 11.78
C GLU A 432 -3.92 54.03 12.91
N GLY A 433 -4.01 53.09 13.83
CA GLY A 433 -4.86 53.27 14.98
C GLY A 433 -4.18 54.06 16.09
N VAL A 434 -2.89 53.82 16.30
CA VAL A 434 -2.17 54.56 17.32
C VAL A 434 -1.82 55.97 16.85
N ARG A 435 -1.87 56.24 15.54
CA ARG A 435 -1.67 57.60 15.07
C ARG A 435 -2.85 58.49 15.41
N LYS A 436 -4.05 57.93 15.49
CA LYS A 436 -5.26 58.70 15.75
C LYS A 436 -5.73 58.62 17.20
N ASP A 437 -4.92 58.02 18.09
CA ASP A 437 -5.19 57.96 19.53
C ASP A 437 -6.53 57.27 19.82
N ARG A 438 -6.60 55.99 19.46
CA ARG A 438 -7.74 55.16 19.80
C ARG A 438 -7.48 54.44 21.13
N LYS A 439 -8.51 53.74 21.62
CA LYS A 439 -8.35 52.96 22.85
C LYS A 439 -7.45 51.76 22.58
N ARG A 440 -6.51 51.51 23.49
CA ARG A 440 -5.47 50.51 23.24
C ARG A 440 -6.02 49.09 23.33
N SER A 441 -6.97 48.83 24.23
CA SER A 441 -7.49 47.48 24.38
C SER A 441 -8.27 47.03 23.15
N LYS A 442 -9.16 47.90 22.66
CA LYS A 442 -9.94 47.56 21.48
C LYS A 442 -9.06 47.41 20.25
N LEU A 443 -8.05 48.28 20.11
CA LEU A 443 -7.13 48.17 18.98
C LEU A 443 -6.31 46.89 19.05
N LEU A 444 -5.85 46.52 20.24
CA LEU A 444 -5.11 45.27 20.40
C LEU A 444 -5.99 44.06 20.09
N LEU A 445 -7.25 44.09 20.52
CA LEU A 445 -8.16 42.99 20.23
C LEU A 445 -8.43 42.90 18.73
N ASP A 446 -8.58 44.04 18.05
CA ASP A 446 -8.79 44.03 16.61
C ASP A 446 -7.57 43.49 15.87
N CYS A 447 -6.36 43.88 16.31
CA CYS A 447 -5.15 43.37 15.69
C CYS A 447 -5.00 41.87 15.89
N ILE A 448 -5.33 41.38 17.10
CA ILE A 448 -5.25 39.95 17.36
C ILE A 448 -6.29 39.19 16.52
N LEU A 449 -7.48 39.78 16.34
CA LEU A 449 -8.49 39.16 15.49
C LEU A 449 -8.03 39.08 14.05
N ILE A 450 -7.39 40.15 13.54
CA ILE A 450 -6.87 40.13 12.18
C ILE A 450 -5.77 39.09 12.03
N ILE A 451 -4.92 38.95 13.06
CA ILE A 451 -3.85 37.96 13.01
C ILE A 451 -4.43 36.54 12.98
N THR A 452 -5.39 36.26 13.86
CA THR A 452 -5.90 34.91 14.01
C THR A 452 -7.00 34.55 13.01
N SER A 453 -7.46 35.50 12.19
CA SER A 453 -8.50 35.23 11.21
C SER A 453 -7.95 34.84 9.86
N VAL A 454 -6.67 34.48 9.77
CA VAL A 454 -6.05 34.12 8.51
C VAL A 454 -5.65 32.64 8.46
N VAL A 455 -5.59 31.95 9.59
CA VAL A 455 -5.07 30.59 9.64
C VAL A 455 -6.18 29.60 9.28
N PRO A 456 -6.04 28.84 8.20
CA PRO A 456 -7.00 27.78 7.92
C PRO A 456 -6.90 26.67 8.95
N PRO A 457 -8.03 26.08 9.36
CA PRO A 457 -7.97 25.10 10.45
C PRO A 457 -7.51 23.72 10.01
N GLU A 458 -7.83 23.32 8.78
CA GLU A 458 -7.57 21.96 8.31
C GLU A 458 -6.56 21.93 7.15
N LEU A 459 -5.69 22.93 7.07
CA LEU A 459 -4.65 22.90 6.05
C LEU A 459 -3.66 21.75 6.22
N PRO A 460 -3.20 21.38 7.43
CA PRO A 460 -2.43 20.12 7.55
C PRO A 460 -3.20 18.89 7.08
N MET A 461 -4.53 18.92 7.22
CA MET A 461 -5.40 17.90 6.65
C MET A 461 -5.65 18.19 5.17
N GLU A 462 -6.69 17.54 4.62
CA GLU A 462 -7.13 17.63 3.23
C GLU A 462 -6.21 16.84 2.31
N LEU A 463 -5.21 16.18 2.88
CA LEU A 463 -4.52 15.08 2.22
C LEU A 463 -4.87 13.74 2.84
N SER A 464 -5.12 13.72 4.15
CA SER A 464 -5.61 12.53 4.84
C SER A 464 -7.12 12.38 4.78
N LEU A 465 -7.81 13.33 4.16
CA LEU A 465 -9.26 13.25 4.01
C LEU A 465 -9.70 12.79 2.63
N ALA A 466 -8.95 13.15 1.58
CA ALA A 466 -9.23 12.64 0.25
C ALA A 466 -8.79 11.19 0.07
N VAL A 467 -7.81 10.75 0.86
CA VAL A 467 -7.32 9.38 0.76
C VAL A 467 -8.41 8.39 1.18
N ASN A 468 -9.23 8.75 2.18
CA ASN A 468 -10.33 7.89 2.58
C ASN A 468 -11.38 7.77 1.48
N THR A 469 -11.68 8.88 0.79
CA THR A 469 -12.61 8.82 -0.34
C THR A 469 -12.05 7.98 -1.47
N SER A 470 -10.75 8.11 -1.75
CA SER A 470 -10.12 7.27 -2.77
C SER A 470 -10.16 5.79 -2.37
N LEU A 471 -9.96 5.51 -1.08
CA LEU A 471 -10.03 4.13 -0.61
C LEU A 471 -11.43 3.55 -0.76
N SER A 472 -12.46 4.35 -0.47
CA SER A 472 -13.83 3.89 -0.68
C SER A 472 -14.13 3.64 -2.16
N ALA A 473 -13.66 4.55 -3.03
CA ALA A 473 -13.88 4.37 -4.46
C ALA A 473 -13.14 3.14 -4.98
N LEU A 474 -11.96 2.85 -4.44
CA LEU A 474 -11.22 1.66 -4.82
C LEU A 474 -11.91 0.40 -4.32
N ALA A 475 -12.39 0.41 -3.07
CA ALA A 475 -13.08 -0.75 -2.52
C ALA A 475 -14.41 -0.99 -3.21
N LYS A 476 -14.97 0.01 -3.90
CA LYS A 476 -16.09 -0.25 -4.79
C LYS A 476 -15.70 -1.21 -5.91
N PHE A 477 -14.49 -1.05 -6.45
CA PHE A 477 -13.97 -1.89 -7.54
C PHE A 477 -13.34 -3.18 -7.03
N ALA A 478 -13.64 -3.59 -5.80
CA ALA A 478 -13.08 -4.77 -5.14
C ALA A 478 -11.57 -4.71 -5.00
N ILE A 479 -10.98 -3.51 -4.99
CA ILE A 479 -9.54 -3.33 -4.78
C ILE A 479 -9.34 -2.81 -3.37
N PHE A 480 -8.55 -3.52 -2.58
CA PHE A 480 -8.34 -3.19 -1.17
C PHE A 480 -6.90 -2.76 -0.93
N CYS A 481 -6.73 -1.76 -0.08
CA CYS A 481 -5.42 -1.22 0.28
C CYS A 481 -5.24 -1.29 1.78
N THR A 482 -4.09 -1.81 2.20
CA THR A 482 -3.80 -1.97 3.62
C THR A 482 -2.87 -0.89 4.18
N GLU A 483 -2.08 -0.24 3.33
CA GLU A 483 -1.24 0.89 3.73
C GLU A 483 -1.68 2.11 2.95
N PRO A 484 -2.52 2.99 3.53
CA PRO A 484 -3.11 4.08 2.76
C PRO A 484 -2.14 5.23 2.44
N PHE A 485 -0.91 5.20 2.92
CA PHE A 485 0.03 6.28 2.63
C PHE A 485 0.73 6.12 1.29
N ARG A 486 0.48 5.02 0.57
CA ARG A 486 1.02 4.81 -0.76
C ARG A 486 0.09 5.32 -1.86
N ILE A 487 -1.10 5.82 -1.50
CA ILE A 487 -2.03 6.33 -2.51
C ILE A 487 -1.47 7.55 -3.26
N PRO A 488 -0.88 8.57 -2.62
CA PRO A 488 -0.27 9.65 -3.40
C PRO A 488 0.85 9.20 -4.32
N PHE A 489 1.60 8.16 -3.95
CA PHE A 489 2.65 7.63 -4.82
C PHE A 489 2.11 7.17 -6.16
N ALA A 490 0.89 6.62 -6.19
CA ALA A 490 0.28 6.19 -7.44
C ALA A 490 0.00 7.36 -8.39
N GLY A 491 0.06 8.59 -7.89
CA GLY A 491 -0.05 9.74 -8.77
C GLY A 491 1.23 10.16 -9.43
N ARG A 492 2.35 9.52 -9.11
CA ARG A 492 3.65 9.92 -9.66
C ARG A 492 4.40 8.71 -10.23
N ILE A 493 3.69 7.71 -10.71
CA ILE A 493 4.33 6.50 -11.21
C ILE A 493 4.95 6.77 -12.58
N ASP A 494 6.23 6.46 -12.72
CA ASP A 494 6.95 6.65 -13.97
C ASP A 494 7.24 5.35 -14.70
N VAL A 495 7.40 4.24 -13.97
CA VAL A 495 7.63 2.93 -14.56
C VAL A 495 6.62 1.96 -13.96
N ALA A 496 5.94 1.20 -14.82
CA ALA A 496 4.91 0.25 -14.39
C ALA A 496 5.30 -1.13 -14.87
N CYS A 497 5.94 -1.92 -14.00
CA CYS A 497 6.37 -3.26 -14.35
C CYS A 497 5.17 -4.21 -14.36
N PHE A 498 5.40 -5.43 -14.88
CA PHE A 498 4.33 -6.41 -15.03
C PHE A 498 4.84 -7.84 -14.89
N ASP A 499 4.01 -8.79 -15.31
CA ASP A 499 4.35 -10.20 -15.29
C ASP A 499 3.63 -10.86 -16.46
N LYS A 500 4.14 -12.02 -16.89
CA LYS A 500 3.61 -12.64 -18.10
C LYS A 500 2.51 -13.65 -17.81
N THR A 501 2.80 -14.71 -17.07
CA THR A 501 1.85 -15.80 -16.86
C THR A 501 1.05 -15.54 -15.60
N GLY A 502 -0.27 -15.43 -15.76
CA GLY A 502 -1.15 -15.14 -14.65
C GLY A 502 -1.51 -13.68 -14.48
N THR A 503 -0.78 -12.77 -15.12
CA THR A 503 -1.09 -11.35 -15.10
C THR A 503 -1.52 -10.80 -16.45
N LEU A 504 -0.83 -11.17 -17.54
CA LEU A 504 -1.21 -10.75 -18.87
C LEU A 504 -1.77 -11.88 -19.73
N THR A 505 -1.60 -13.13 -19.33
CA THR A 505 -2.12 -14.27 -20.07
C THR A 505 -3.14 -15.02 -19.23
N GLY A 506 -4.01 -15.76 -19.90
CA GLY A 506 -5.09 -16.44 -19.23
C GLY A 506 -4.61 -17.61 -18.37
N GLU A 507 -5.56 -18.16 -17.62
CA GLU A 507 -5.25 -19.22 -16.66
C GLU A 507 -5.42 -20.62 -17.23
N ASP A 508 -6.41 -20.82 -18.10
CA ASP A 508 -6.59 -22.13 -18.72
C ASP A 508 -5.56 -22.34 -19.82
N LEU A 509 -5.18 -23.60 -20.02
CA LEU A 509 -4.20 -23.96 -21.03
C LEU A 509 -4.75 -25.10 -21.88
N VAL A 510 -4.32 -25.14 -23.14
CA VAL A 510 -4.63 -26.23 -24.06
C VAL A 510 -3.34 -26.92 -24.45
N VAL A 511 -3.31 -28.24 -24.29
CA VAL A 511 -2.12 -29.03 -24.57
C VAL A 511 -2.09 -29.33 -26.06
N GLU A 512 -1.16 -28.71 -26.78
CA GLU A 512 -1.08 -28.93 -28.22
C GLU A 512 -0.53 -30.32 -28.54
N GLY A 513 0.53 -30.74 -27.83
CA GLY A 513 1.02 -32.08 -28.01
C GLY A 513 2.46 -32.21 -27.55
N ILE A 514 3.11 -33.23 -28.10
CA ILE A 514 4.50 -33.57 -27.79
C ILE A 514 5.30 -33.41 -29.08
N ALA A 515 6.30 -32.55 -29.04
CA ALA A 515 7.14 -32.26 -30.20
C ALA A 515 8.54 -32.81 -29.99
N GLY A 516 9.28 -32.92 -31.09
CA GLY A 516 10.66 -33.39 -31.03
C GLY A 516 10.82 -34.82 -30.59
N LEU A 517 9.87 -35.69 -30.93
CA LEU A 517 10.00 -37.09 -30.57
C LEU A 517 11.02 -37.81 -31.46
N GLY A 518 11.29 -37.26 -32.64
CA GLY A 518 12.20 -37.86 -33.60
C GLY A 518 13.66 -37.51 -33.43
N LEU A 519 14.02 -36.77 -32.38
CA LEU A 519 15.41 -36.44 -32.15
C LEU A 519 16.22 -37.69 -31.80
N GLY A 520 17.52 -37.65 -32.10
CA GLY A 520 18.36 -38.81 -31.93
C GLY A 520 18.25 -39.84 -33.02
N HIS A 521 17.90 -39.41 -34.24
CA HIS A 521 17.73 -40.29 -35.41
C HIS A 521 16.69 -41.37 -35.17
N SER A 522 15.67 -41.06 -34.37
CA SER A 522 14.55 -41.99 -34.21
C SER A 522 13.70 -42.04 -35.47
N GLY A 523 13.53 -40.90 -36.13
CA GLY A 523 12.79 -40.83 -37.37
C GLY A 523 13.66 -40.38 -38.53
N THR A 524 13.53 -41.05 -39.68
CA THR A 524 14.34 -40.75 -40.85
C THR A 524 13.68 -39.76 -41.79
N ASP A 525 12.39 -39.96 -42.12
CA ASP A 525 11.69 -39.11 -43.09
C ASP A 525 10.88 -38.02 -42.41
N THR A 526 11.30 -37.57 -41.23
CA THR A 526 10.59 -36.49 -40.54
C THR A 526 10.80 -35.17 -41.28
N PRO A 527 9.77 -34.33 -41.36
CA PRO A 527 9.94 -33.01 -41.99
C PRO A 527 10.90 -32.14 -41.19
N LYS A 528 11.62 -31.27 -41.91
CA LYS A 528 12.66 -30.46 -41.30
C LYS A 528 12.85 -29.21 -42.14
N GLU A 529 13.01 -28.06 -41.47
CA GLU A 529 13.21 -26.80 -42.16
C GLU A 529 14.69 -26.59 -42.45
N ALA A 530 15.05 -25.38 -42.87
CA ALA A 530 16.43 -25.11 -43.30
C ALA A 530 17.40 -25.18 -42.13
N ASP A 531 17.00 -24.66 -40.96
CA ASP A 531 17.92 -24.60 -39.82
C ASP A 531 18.05 -25.93 -39.09
N GLY A 532 17.25 -26.93 -39.43
CA GLY A 532 17.35 -28.24 -38.81
C GLY A 532 16.30 -28.53 -37.76
N ALA A 533 15.37 -27.63 -37.51
CA ALA A 533 14.33 -27.87 -36.52
C ALA A 533 13.35 -28.92 -37.02
N HIS A 534 12.90 -29.78 -36.11
CA HIS A 534 11.95 -30.85 -36.43
C HIS A 534 10.54 -30.31 -36.27
N THR A 535 9.81 -30.19 -37.39
CA THR A 535 8.51 -29.54 -37.39
C THR A 535 7.42 -30.43 -36.80
N ARG A 536 7.48 -31.74 -37.06
CA ARG A 536 6.37 -32.64 -36.78
C ARG A 536 6.06 -32.71 -35.28
N MET A 537 4.77 -32.65 -34.96
CA MET A 537 4.28 -32.66 -33.59
C MET A 537 3.29 -33.80 -33.42
N VAL A 538 3.46 -34.59 -32.37
CA VAL A 538 2.62 -35.76 -32.11
C VAL A 538 1.75 -35.48 -30.89
N SER A 539 0.50 -35.92 -30.96
CA SER A 539 -0.43 -35.72 -29.85
C SER A 539 -0.03 -36.60 -28.66
N VAL A 540 -0.58 -36.26 -27.50
CA VAL A 540 -0.24 -36.97 -26.26
C VAL A 540 -0.75 -38.40 -26.29
N HIS A 541 -1.85 -38.65 -26.98
CA HIS A 541 -2.40 -40.01 -27.04
C HIS A 541 -1.49 -40.93 -27.85
N ASP A 542 -0.90 -40.43 -28.92
CA ASP A 542 -0.04 -41.21 -29.79
C ASP A 542 1.43 -41.19 -29.37
N ALA A 543 1.73 -40.59 -28.22
CA ALA A 543 3.10 -40.50 -27.76
C ALA A 543 3.61 -41.86 -27.30
N GLY A 544 4.93 -41.93 -27.08
CA GLY A 544 5.55 -43.16 -26.65
C GLY A 544 5.21 -43.51 -25.22
N MET A 545 5.67 -44.70 -24.81
CA MET A 545 5.39 -45.18 -23.46
C MET A 545 6.15 -44.36 -22.42
N GLU A 546 7.43 -44.10 -22.67
CA GLU A 546 8.23 -43.34 -21.71
C GLU A 546 7.72 -41.92 -21.55
N THR A 547 7.27 -41.30 -22.64
CA THR A 547 6.69 -39.97 -22.55
C THR A 547 5.40 -39.98 -21.74
N THR A 548 4.57 -41.01 -21.93
CA THR A 548 3.33 -41.12 -21.17
C THR A 548 3.61 -41.28 -19.68
N LEU A 549 4.55 -42.15 -19.32
CA LEU A 549 4.87 -42.31 -17.91
C LEU A 549 5.58 -41.11 -17.30
N VAL A 550 6.36 -40.36 -18.07
CA VAL A 550 6.99 -39.18 -17.49
C VAL A 550 5.99 -38.03 -17.39
N LEU A 551 4.94 -38.05 -18.22
CA LEU A 551 3.86 -37.08 -18.04
C LEU A 551 3.01 -37.43 -16.83
N ALA A 552 2.79 -38.73 -16.59
CA ALA A 552 1.96 -39.15 -15.47
C ALA A 552 2.68 -39.02 -14.14
N THR A 553 3.98 -39.36 -14.11
CA THR A 553 4.70 -39.45 -12.84
C THR A 553 5.04 -38.07 -12.28
N ALA A 554 5.67 -37.22 -13.09
CA ALA A 554 6.17 -35.93 -12.61
C ALA A 554 5.03 -34.92 -12.55
N HIS A 555 4.22 -35.03 -11.50
CA HIS A 555 3.11 -34.12 -11.28
C HIS A 555 2.81 -34.03 -9.79
N ALA A 556 2.11 -32.97 -9.41
CA ALA A 556 1.75 -32.71 -8.02
C ALA A 556 0.25 -32.50 -7.85
N LEU A 557 -0.55 -33.35 -8.48
CA LEU A 557 -2.01 -33.27 -8.38
C LEU A 557 -2.48 -34.21 -7.28
N VAL A 558 -3.33 -33.71 -6.39
CA VAL A 558 -3.90 -34.51 -5.32
C VAL A 558 -5.42 -34.51 -5.46
N LYS A 559 -6.04 -35.60 -5.02
CA LYS A 559 -7.48 -35.77 -5.09
C LYS A 559 -8.05 -35.68 -3.68
N LEU A 560 -8.97 -34.74 -3.49
CA LEU A 560 -9.60 -34.59 -2.19
C LEU A 560 -10.60 -35.71 -1.95
N ASP A 561 -11.02 -35.85 -0.68
CA ASP A 561 -11.98 -36.89 -0.32
C ASP A 561 -13.34 -36.67 -0.95
N GLU A 562 -13.69 -35.41 -1.27
CA GLU A 562 -14.95 -35.16 -1.98
C GLU A 562 -14.91 -35.74 -3.39
N GLY A 563 -13.78 -35.64 -4.07
CA GLY A 563 -13.66 -36.18 -5.41
C GLY A 563 -13.15 -35.17 -6.43
N GLU A 564 -12.62 -34.05 -5.95
CA GLU A 564 -12.14 -32.99 -6.81
C GLU A 564 -10.62 -33.07 -6.96
N ILE A 565 -10.13 -32.50 -8.06
CA ILE A 565 -8.70 -32.45 -8.36
C ILE A 565 -8.24 -31.01 -8.26
N VAL A 566 -7.13 -30.78 -7.55
CA VAL A 566 -6.59 -29.46 -7.34
C VAL A 566 -5.09 -29.47 -7.66
N GLY A 567 -4.61 -28.40 -8.27
CA GLY A 567 -3.20 -28.29 -8.59
C GLY A 567 -2.96 -27.16 -9.58
N ASP A 568 -1.78 -27.19 -10.17
CA ASP A 568 -1.43 -26.22 -11.21
C ASP A 568 -2.31 -26.44 -12.44
N PRO A 569 -2.72 -25.37 -13.13
CA PRO A 569 -3.55 -25.54 -14.32
C PRO A 569 -2.92 -26.37 -15.42
N MET A 570 -1.60 -26.27 -15.61
CA MET A 570 -0.97 -27.06 -16.67
C MET A 570 -0.95 -28.54 -16.32
N GLU A 571 -0.84 -28.89 -15.03
CA GLU A 571 -0.87 -30.29 -14.64
C GLU A 571 -2.27 -30.87 -14.78
N LYS A 572 -3.30 -30.09 -14.43
CA LYS A 572 -4.67 -30.52 -14.67
C LYS A 572 -4.95 -30.68 -16.16
N ALA A 573 -4.43 -29.76 -16.98
CA ALA A 573 -4.63 -29.86 -18.42
C ALA A 573 -3.95 -31.10 -19.00
N THR A 574 -2.72 -31.39 -18.58
CA THR A 574 -2.03 -32.56 -19.12
C THR A 574 -2.60 -33.86 -18.57
N LEU A 575 -3.21 -33.83 -17.39
CA LEU A 575 -3.90 -35.02 -16.90
C LEU A 575 -5.19 -35.24 -17.67
N ASN A 576 -5.92 -34.16 -17.99
CA ASN A 576 -7.13 -34.29 -18.79
C ASN A 576 -6.81 -34.78 -20.20
N ALA A 577 -5.74 -34.27 -20.79
CA ALA A 577 -5.35 -34.71 -22.13
C ALA A 577 -4.77 -36.11 -22.13
N LEU A 578 -4.11 -36.51 -21.04
CA LEU A 578 -3.49 -37.83 -20.98
C LEU A 578 -4.54 -38.94 -20.96
N GLY A 579 -5.62 -38.74 -20.22
CA GLY A 579 -6.70 -39.70 -20.15
C GLY A 579 -6.68 -40.61 -18.94
N TRP A 580 -5.60 -40.61 -18.16
CA TRP A 580 -5.52 -41.46 -16.99
C TRP A 580 -6.36 -40.88 -15.85
N VAL A 581 -6.66 -41.72 -14.86
CA VAL A 581 -7.54 -41.37 -13.76
C VAL A 581 -6.74 -41.45 -12.45
N LEU A 582 -6.85 -40.40 -11.64
CA LEU A 582 -6.15 -40.35 -10.36
C LEU A 582 -6.84 -41.25 -9.34
N GLY A 583 -6.04 -41.77 -8.40
CA GLY A 583 -6.57 -42.61 -7.35
C GLY A 583 -6.37 -41.96 -6.00
N LYS A 584 -6.91 -42.61 -4.97
CA LYS A 584 -6.84 -42.06 -3.62
C LYS A 584 -5.41 -42.13 -3.08
N ASN A 585 -4.77 -43.29 -3.19
CA ASN A 585 -3.44 -43.49 -2.61
C ASN A 585 -2.33 -43.21 -3.62
N ASP A 586 -2.39 -42.03 -4.25
CA ASP A 586 -1.35 -41.53 -5.16
C ASP A 586 -1.05 -42.53 -6.28
N THR A 587 -2.10 -43.12 -6.86
CA THR A 587 -1.96 -44.11 -7.91
C THR A 587 -2.72 -43.67 -9.15
N LEU A 588 -2.12 -43.91 -10.32
CA LEU A 588 -2.75 -43.60 -11.59
C LEU A 588 -2.80 -44.86 -12.45
N THR A 589 -3.97 -45.13 -13.03
CA THR A 589 -4.18 -46.36 -13.78
C THR A 589 -4.99 -46.07 -15.04
N SER A 590 -4.80 -46.92 -16.04
CA SER A 590 -5.51 -46.82 -17.32
C SER A 590 -5.99 -48.21 -17.74
N LYS A 591 -6.65 -48.89 -16.81
CA LYS A 591 -7.08 -50.27 -17.05
C LYS A 591 -8.02 -50.46 -18.24
N PRO A 592 -9.06 -49.63 -18.47
CA PRO A 592 -9.86 -49.82 -19.67
C PRO A 592 -9.05 -49.62 -20.95
N GLY A 593 -9.34 -50.43 -21.96
CA GLY A 593 -8.65 -50.36 -23.23
C GLY A 593 -9.47 -49.69 -24.30
N ASN A 594 -9.07 -48.49 -24.71
CA ASN A 594 -9.82 -47.72 -25.70
C ASN A 594 -8.87 -46.69 -26.30
N ALA A 595 -9.39 -45.93 -27.28
CA ALA A 595 -8.61 -44.85 -27.87
C ALA A 595 -8.38 -43.73 -26.88
N ALA A 596 -9.28 -43.58 -25.89
CA ALA A 596 -9.09 -42.59 -24.84
C ALA A 596 -7.86 -42.93 -24.00
N SER A 597 -7.66 -44.22 -23.68
CA SER A 597 -6.44 -44.63 -23.01
C SER A 597 -5.27 -44.67 -23.99
N SER A 598 -5.54 -45.06 -25.23
CA SER A 598 -4.54 -45.11 -26.32
C SER A 598 -3.35 -45.99 -25.96
N GLY A 599 -3.64 -47.16 -25.39
CA GLY A 599 -2.57 -48.06 -25.00
C GLY A 599 -1.84 -47.55 -23.76
N ILE A 600 -0.62 -48.06 -23.60
CA ILE A 600 0.26 -47.77 -22.47
C ILE A 600 -0.47 -48.08 -21.16
N LEU A 601 -1.27 -49.15 -21.17
CA LEU A 601 -2.05 -49.50 -20.00
C LEU A 601 -1.15 -50.03 -18.88
N GLY A 602 -1.50 -49.68 -17.65
CA GLY A 602 -0.73 -50.11 -16.50
C GLY A 602 -1.08 -49.27 -15.29
N THR A 603 -0.15 -49.25 -14.34
CA THR A 603 -0.31 -48.49 -13.10
C THR A 603 0.99 -47.79 -12.76
N VAL A 604 0.85 -46.63 -12.10
CA VAL A 604 1.98 -45.83 -11.64
C VAL A 604 1.67 -45.36 -10.22
N GLN A 605 2.57 -45.65 -9.29
CA GLN A 605 2.40 -45.27 -7.88
C GLN A 605 3.57 -44.41 -7.44
N ILE A 606 3.30 -43.17 -7.06
CA ILE A 606 4.35 -42.23 -6.69
C ILE A 606 4.82 -42.54 -5.28
N LYS A 607 6.12 -42.38 -5.04
CA LYS A 607 6.70 -42.63 -3.72
C LYS A 607 7.31 -41.39 -3.08
N ARG A 608 8.11 -40.63 -3.82
CA ARG A 608 8.75 -39.44 -3.29
C ARG A 608 8.70 -38.34 -4.34
N ARG A 609 8.49 -37.11 -3.88
CA ARG A 609 8.44 -35.95 -4.76
C ARG A 609 9.48 -34.92 -4.33
N PHE A 610 10.18 -34.37 -5.31
CA PHE A 610 11.03 -33.19 -5.11
C PHE A 610 10.29 -32.03 -5.75
N GLN A 611 9.73 -31.15 -4.90
CA GLN A 611 8.79 -30.15 -5.37
C GLN A 611 9.48 -29.07 -6.21
N PHE A 612 8.68 -28.38 -7.00
CA PHE A 612 9.18 -27.37 -7.91
C PHE A 612 9.62 -26.13 -7.15
N SER A 613 10.79 -25.62 -7.51
CA SER A 613 11.32 -24.37 -6.96
C SER A 613 11.60 -23.41 -8.10
N SER A 614 11.30 -22.13 -7.88
CA SER A 614 11.43 -21.14 -8.95
C SER A 614 12.90 -20.94 -9.36
N ALA A 615 13.82 -21.05 -8.41
CA ALA A 615 15.23 -20.88 -8.74
C ALA A 615 15.79 -22.11 -9.45
N LEU A 616 15.23 -23.29 -9.18
CA LEU A 616 15.75 -24.52 -9.77
C LEU A 616 15.16 -24.76 -11.16
N LYS A 617 13.94 -24.31 -11.39
CA LYS A 617 13.23 -24.45 -12.67
C LYS A 617 13.08 -25.90 -13.11
N ARG A 618 12.89 -26.82 -12.15
CA ARG A 618 12.66 -28.21 -12.50
C ARG A 618 11.87 -28.88 -11.39
N GLN A 619 11.31 -30.06 -11.72
CA GLN A 619 10.55 -30.87 -10.78
C GLN A 619 10.77 -32.33 -11.11
N SER A 620 11.10 -33.12 -10.09
CA SER A 620 11.38 -34.54 -10.27
C SER A 620 10.44 -35.36 -9.41
N SER A 621 10.30 -36.64 -9.77
CA SER A 621 9.41 -37.53 -9.04
C SER A 621 9.86 -38.97 -9.22
N VAL A 622 9.76 -39.75 -8.16
CA VAL A 622 10.13 -41.17 -8.16
C VAL A 622 8.86 -41.99 -7.98
N ALA A 623 8.73 -43.05 -8.78
CA ALA A 623 7.53 -43.86 -8.76
C ALA A 623 7.87 -45.31 -9.07
N THR A 624 6.90 -46.18 -8.77
CA THR A 624 6.94 -47.58 -9.19
C THR A 624 5.92 -47.74 -10.31
N ILE A 625 6.38 -48.22 -11.47
CA ILE A 625 5.56 -48.31 -12.66
C ILE A 625 5.40 -49.77 -13.05
N THR A 626 4.30 -50.04 -13.75
CA THR A 626 4.08 -51.34 -14.38
C THR A 626 3.15 -51.07 -15.58
N ALA A 627 3.74 -50.99 -16.77
CA ALA A 627 2.99 -50.59 -17.96
C ALA A 627 3.39 -51.46 -19.14
N THR A 628 2.47 -51.57 -20.10
CA THR A 628 2.68 -52.34 -21.32
C THR A 628 2.13 -51.58 -22.52
N GLU A 629 2.85 -51.63 -23.64
CA GLU A 629 2.41 -51.02 -24.88
C GLU A 629 1.70 -52.07 -25.72
N VAL A 630 0.49 -51.76 -26.20
CA VAL A 630 -0.34 -52.75 -26.87
C VAL A 630 0.24 -53.09 -28.24
N LYS A 631 0.72 -52.09 -28.98
CA LYS A 631 1.02 -52.30 -30.40
C LYS A 631 2.32 -53.05 -30.60
N THR A 632 3.32 -52.85 -29.73
CA THR A 632 4.65 -53.42 -29.93
C THR A 632 5.15 -54.16 -28.70
N GLY A 633 4.27 -54.51 -27.77
CA GLY A 633 4.73 -55.21 -26.57
C GLY A 633 5.51 -54.28 -25.67
N ARG A 634 6.79 -54.61 -25.46
CA ARG A 634 7.74 -53.80 -24.69
C ARG A 634 7.23 -53.54 -23.27
N LYS A 635 7.07 -54.62 -22.51
CA LYS A 635 6.58 -54.50 -21.14
C LYS A 635 7.65 -53.88 -20.25
N LEU A 636 7.22 -52.98 -19.37
CA LEU A 636 8.11 -52.30 -18.44
C LEU A 636 7.54 -52.35 -17.04
N ARG A 637 8.43 -52.44 -16.05
CA ARG A 637 8.05 -52.48 -14.66
C ARG A 637 9.23 -52.00 -13.81
N GLY A 638 8.94 -51.68 -12.55
CA GLY A 638 9.98 -51.36 -11.59
C GLY A 638 10.04 -49.89 -11.25
N SER A 639 11.15 -49.51 -10.62
CA SER A 639 11.36 -48.13 -10.22
C SER A 639 11.62 -47.24 -11.42
N PHE A 640 11.26 -45.96 -11.29
CA PHE A 640 11.33 -45.03 -12.39
C PHE A 640 11.38 -43.62 -11.82
N VAL A 641 12.08 -42.72 -12.49
CA VAL A 641 12.16 -41.32 -12.07
C VAL A 641 11.97 -40.42 -13.27
N GLY A 642 11.10 -39.43 -13.13
CA GLY A 642 10.79 -38.49 -14.20
C GLY A 642 11.04 -37.06 -13.78
N VAL A 643 11.55 -36.26 -14.70
CA VAL A 643 11.94 -34.87 -14.45
C VAL A 643 11.33 -34.01 -15.55
N LYS A 644 10.76 -32.86 -15.18
CA LYS A 644 10.29 -31.89 -16.15
C LYS A 644 10.74 -30.50 -15.75
N GLY A 645 11.02 -29.66 -16.74
CA GLY A 645 11.49 -28.33 -16.44
C GLY A 645 11.73 -27.50 -17.69
N ALA A 646 12.47 -26.42 -17.49
CA ALA A 646 12.84 -25.57 -18.62
C ALA A 646 13.84 -26.28 -19.51
N PRO A 647 13.77 -26.11 -20.83
CA PRO A 647 14.69 -26.83 -21.72
C PRO A 647 16.15 -26.50 -21.49
N GLU A 648 16.50 -25.27 -21.13
CA GLU A 648 17.89 -24.92 -20.88
C GLU A 648 18.43 -25.64 -19.65
N THR A 649 17.61 -25.77 -18.60
CA THR A 649 18.05 -26.48 -17.41
C THR A 649 18.18 -27.98 -17.66
N ILE A 650 17.22 -28.55 -18.39
CA ILE A 650 17.26 -29.99 -18.69
C ILE A 650 18.43 -30.32 -19.61
N MET A 651 18.79 -29.40 -20.50
CA MET A 651 19.89 -29.66 -21.44
C MET A 651 21.21 -29.91 -20.72
N LYS A 652 21.46 -29.20 -19.62
CA LYS A 652 22.69 -29.38 -18.86
C LYS A 652 22.77 -30.72 -18.14
N MET A 653 21.67 -31.45 -18.02
CA MET A 653 21.63 -32.68 -17.24
C MET A 653 21.48 -33.94 -18.08
N LEU A 654 21.35 -33.82 -19.40
CA LEU A 654 21.26 -35.00 -20.25
C LEU A 654 22.61 -35.72 -20.32
N VAL A 655 22.54 -37.04 -20.50
CA VAL A 655 23.77 -37.82 -20.69
C VAL A 655 24.40 -37.49 -22.04
N THR A 656 23.57 -37.30 -23.07
CA THR A 656 24.06 -36.85 -24.37
C THR A 656 22.96 -36.01 -25.03
N VAL A 657 23.33 -34.81 -25.47
CA VAL A 657 22.36 -33.90 -26.08
C VAL A 657 22.16 -34.30 -27.54
N PRO A 658 20.92 -34.40 -28.01
CA PRO A 658 20.69 -34.67 -29.43
C PRO A 658 21.15 -33.51 -30.31
N GLU A 659 21.19 -33.77 -31.62
CA GLU A 659 21.73 -32.83 -32.59
C GLU A 659 20.94 -31.53 -32.63
N HIS A 660 19.67 -31.62 -33.00
CA HIS A 660 18.83 -30.42 -33.17
C HIS A 660 17.90 -30.23 -31.97
N TYR A 661 18.52 -29.90 -30.84
CA TYR A 661 17.76 -29.59 -29.63
C TYR A 661 17.42 -28.10 -29.56
N GLU A 662 18.45 -27.25 -29.62
CA GLU A 662 18.26 -25.82 -29.48
C GLU A 662 17.41 -25.26 -30.61
N GLU A 663 17.68 -25.67 -31.85
CA GLU A 663 16.89 -25.21 -32.98
C GLU A 663 15.43 -25.62 -32.87
N THR A 664 15.18 -26.86 -32.43
CA THR A 664 13.80 -27.35 -32.30
C THR A 664 13.03 -26.57 -31.26
N TYR A 665 13.58 -26.41 -30.05
CA TYR A 665 12.77 -25.72 -29.04
C TYR A 665 12.70 -24.23 -29.32
N LYS A 666 13.72 -23.65 -29.97
CA LYS A 666 13.63 -22.25 -30.37
C LYS A 666 12.55 -22.04 -31.42
N TYR A 667 12.45 -22.95 -32.39
CA TYR A 667 11.40 -22.84 -33.39
C TYR A 667 10.03 -23.00 -32.77
N PHE A 668 9.88 -23.94 -31.83
CA PHE A 668 8.57 -24.16 -31.23
C PHE A 668 8.20 -23.09 -30.20
N THR A 669 9.16 -22.33 -29.70
CA THR A 669 8.86 -21.22 -28.82
C THR A 669 8.82 -19.88 -29.55
N ARG A 670 9.22 -19.83 -30.82
CA ARG A 670 9.19 -18.57 -31.56
C ARG A 670 7.78 -18.15 -31.94
N ARG A 671 6.84 -19.08 -32.06
CA ARG A 671 5.48 -18.77 -32.45
C ARG A 671 4.61 -18.31 -31.28
N GLY A 672 5.16 -18.27 -30.08
CA GLY A 672 4.41 -17.87 -28.90
C GLY A 672 3.94 -19.00 -28.02
N SER A 673 4.30 -20.24 -28.33
CA SER A 673 3.94 -21.36 -27.49
C SER A 673 4.86 -21.44 -26.27
N ARG A 674 4.54 -22.36 -25.37
CA ARG A 674 5.35 -22.61 -24.18
C ARG A 674 5.89 -24.04 -24.26
N VAL A 675 7.18 -24.19 -24.02
CA VAL A 675 7.86 -25.46 -24.21
C VAL A 675 8.40 -25.95 -22.87
N LEU A 676 8.04 -27.18 -22.50
CA LEU A 676 8.56 -27.84 -21.31
C LEU A 676 9.34 -29.07 -21.74
N ALA A 677 10.49 -29.30 -21.12
CA ALA A 677 11.35 -30.43 -21.46
C ALA A 677 11.17 -31.53 -20.43
N LEU A 678 11.07 -32.77 -20.91
CA LEU A 678 10.88 -33.95 -20.08
C LEU A 678 12.11 -34.85 -20.19
N ALA A 679 12.41 -35.57 -19.11
CA ALA A 679 13.52 -36.50 -19.07
C ALA A 679 13.15 -37.64 -18.12
N TYR A 680 13.75 -38.80 -18.34
CA TYR A 680 13.40 -39.97 -17.56
C TYR A 680 14.65 -40.80 -17.28
N LYS A 681 14.58 -41.62 -16.23
CA LYS A 681 15.66 -42.52 -15.89
C LYS A 681 15.07 -43.72 -15.16
N GLN A 682 15.72 -44.87 -15.32
CA GLN A 682 15.30 -46.12 -14.68
C GLN A 682 16.36 -46.52 -13.66
N LEU A 683 15.97 -46.53 -12.39
CA LEU A 683 16.92 -46.88 -11.32
C LEU A 683 17.14 -48.37 -11.25
N THR A 684 16.07 -49.15 -11.05
CA THR A 684 16.13 -50.60 -11.02
C THR A 684 15.19 -51.17 -12.07
N THR A 685 15.70 -52.10 -12.87
CA THR A 685 14.91 -52.65 -13.97
C THR A 685 13.78 -53.54 -13.46
N GLU A 686 14.05 -54.35 -12.44
CA GLU A 686 13.07 -55.26 -11.89
C GLU A 686 12.95 -55.06 -10.38
N GLY A 687 11.72 -54.93 -9.90
CA GLY A 687 11.46 -54.76 -8.49
C GLY A 687 11.56 -53.32 -8.03
N GLU A 688 11.11 -53.09 -6.80
CA GLU A 688 11.16 -51.76 -6.22
C GLU A 688 12.56 -51.44 -5.75
N LEU A 689 12.83 -50.14 -5.60
CA LEU A 689 14.14 -49.69 -5.11
C LEU A 689 14.35 -50.07 -3.65
N GLY A 690 13.30 -49.97 -2.84
CA GLY A 690 13.41 -50.30 -1.44
C GLY A 690 12.91 -49.19 -0.53
N ALA A 691 12.47 -49.54 0.68
CA ALA A 691 11.95 -48.53 1.60
C ALA A 691 13.07 -47.65 2.14
N ASN A 692 14.21 -48.25 2.49
CA ASN A 692 15.32 -47.48 3.04
C ASN A 692 16.06 -46.72 1.96
N LYS A 693 16.14 -47.28 0.75
CA LYS A 693 16.91 -46.63 -0.31
C LYS A 693 16.19 -45.39 -0.86
N ILE A 694 14.86 -45.38 -0.83
CA ILE A 694 14.11 -44.22 -1.32
C ILE A 694 14.38 -43.00 -0.45
N ASN A 695 14.38 -43.18 0.88
CA ASN A 695 14.64 -42.08 1.78
C ASN A 695 16.11 -41.63 1.79
N ASP A 696 17.00 -42.43 1.19
CA ASP A 696 18.42 -42.08 1.13
C ASP A 696 18.79 -41.30 -0.13
N LEU A 697 17.85 -41.14 -1.07
CA LEU A 697 18.14 -40.43 -2.31
C LEU A 697 18.28 -38.92 -2.04
N LYS A 698 19.07 -38.26 -2.89
CA LYS A 698 19.27 -36.83 -2.82
C LYS A 698 18.89 -36.20 -4.16
N ARG A 699 18.64 -34.89 -4.13
CA ARG A 699 18.24 -34.17 -5.34
C ARG A 699 19.38 -34.14 -6.35
N GLU A 700 20.61 -33.95 -5.88
CA GLU A 700 21.75 -33.86 -6.79
C GLU A 700 22.03 -35.19 -7.46
N SER A 701 21.85 -36.30 -6.74
CA SER A 701 22.17 -37.61 -7.29
C SER A 701 21.11 -38.08 -8.27
N VAL A 702 19.83 -37.78 -8.01
CA VAL A 702 18.76 -38.34 -8.81
C VAL A 702 18.56 -37.54 -10.10
N GLU A 703 18.95 -36.27 -10.10
CA GLU A 703 18.80 -35.42 -11.27
C GLU A 703 20.09 -35.34 -12.08
N ALA A 704 20.50 -36.50 -12.59
CA ALA A 704 21.70 -36.60 -13.41
C ALA A 704 21.60 -37.83 -14.29
N ASP A 705 22.34 -37.81 -15.40
CA ASP A 705 22.43 -38.91 -16.35
C ASP A 705 21.06 -39.31 -16.91
N LEU A 706 20.20 -38.33 -17.15
CA LEU A 706 18.86 -38.62 -17.65
C LEU A 706 18.87 -38.82 -19.16
N HIS A 707 17.87 -39.55 -19.65
CA HIS A 707 17.64 -39.68 -21.07
C HIS A 707 16.68 -38.60 -21.53
N PHE A 708 16.17 -38.68 -22.75
CA PHE A 708 15.38 -37.61 -23.31
C PHE A 708 13.98 -38.07 -23.69
N ALA A 709 13.00 -37.22 -23.43
CA ALA A 709 11.63 -37.38 -23.89
C ALA A 709 11.19 -36.08 -24.55
N GLY A 710 10.10 -36.15 -25.32
CA GLY A 710 9.72 -35.04 -26.16
C GLY A 710 9.27 -33.82 -25.37
N PHE A 711 9.30 -32.67 -26.05
CA PHE A 711 8.86 -31.43 -25.46
C PHE A 711 7.34 -31.40 -25.35
N LEU A 712 6.84 -31.01 -24.19
CA LEU A 712 5.41 -30.72 -24.01
C LEU A 712 5.15 -29.31 -24.47
N VAL A 713 4.25 -29.13 -25.43
CA VAL A 713 3.96 -27.82 -26.02
C VAL A 713 2.59 -27.36 -25.54
N LEU A 714 2.58 -26.28 -24.77
CA LEU A 714 1.35 -25.65 -24.29
C LEU A 714 1.13 -24.34 -25.02
N GLN A 715 -0.10 -23.82 -24.90
CA GLN A 715 -0.47 -22.56 -25.53
C GLN A 715 -1.23 -21.72 -24.54
N CYS A 716 -0.61 -20.62 -24.09
CA CYS A 716 -1.23 -19.73 -23.12
C CYS A 716 -2.00 -18.63 -23.83
N PRO A 717 -3.31 -18.50 -23.61
CA PRO A 717 -4.07 -17.47 -24.31
C PRO A 717 -4.00 -16.12 -23.61
N LEU A 718 -3.93 -15.06 -24.41
CA LEU A 718 -3.87 -13.72 -23.87
C LEU A 718 -5.21 -13.31 -23.28
N LYS A 719 -5.16 -12.50 -22.23
CA LYS A 719 -6.37 -11.98 -21.62
C LYS A 719 -7.05 -10.96 -22.53
N GLU A 720 -8.37 -10.81 -22.36
CA GLU A 720 -9.13 -9.89 -23.17
C GLU A 720 -8.94 -8.43 -22.78
N ASP A 721 -8.41 -8.17 -21.58
CA ASP A 721 -8.21 -6.82 -21.10
C ASP A 721 -6.74 -6.38 -21.10
N ALA A 722 -5.83 -7.25 -21.56
CA ALA A 722 -4.41 -6.91 -21.51
C ALA A 722 -4.05 -5.80 -22.48
N LYS A 723 -4.49 -5.92 -23.74
CA LYS A 723 -4.13 -4.95 -24.76
C LYS A 723 -4.70 -3.57 -24.45
N GLN A 724 -5.97 -3.51 -24.02
CA GLN A 724 -6.59 -2.22 -23.73
C GLN A 724 -5.93 -1.54 -22.53
N ALA A 725 -5.65 -2.31 -21.47
CA ALA A 725 -5.00 -1.72 -20.29
C ALA A 725 -3.59 -1.25 -20.61
N VAL A 726 -2.83 -2.03 -21.38
CA VAL A 726 -1.47 -1.63 -21.71
C VAL A 726 -1.47 -0.42 -22.64
N ARG A 727 -2.42 -0.35 -23.57
CA ARG A 727 -2.51 0.83 -24.43
C ARG A 727 -2.94 2.07 -23.64
N MET A 728 -3.78 1.88 -22.61
CA MET A 728 -4.13 3.00 -21.74
C MET A 728 -2.94 3.48 -20.95
N LEU A 729 -2.12 2.55 -20.45
CA LEU A 729 -0.96 2.91 -19.66
C LEU A 729 0.14 3.56 -20.50
N ASN A 730 0.31 3.10 -21.74
CA ASN A 730 1.46 3.52 -22.54
C ASN A 730 1.33 4.96 -22.99
N GLU A 731 0.12 5.41 -23.34
CA GLU A 731 -0.12 6.73 -23.90
C GLU A 731 -0.56 7.74 -22.85
N SER A 732 -0.11 7.59 -21.61
CA SER A 732 -0.48 8.49 -20.52
C SER A 732 0.73 8.86 -19.68
N SER A 733 1.87 9.09 -20.33
CA SER A 733 3.14 9.47 -19.71
C SER A 733 3.68 8.43 -18.75
N HIS A 734 3.24 7.17 -18.85
CA HIS A 734 3.82 6.06 -18.13
C HIS A 734 4.68 5.23 -19.06
N ARG A 735 5.52 4.39 -18.47
CA ARG A 735 6.32 3.42 -19.20
C ARG A 735 6.04 2.04 -18.64
N VAL A 736 5.76 1.08 -19.51
CA VAL A 736 5.38 -0.28 -19.11
C VAL A 736 6.48 -1.23 -19.55
N VAL A 737 6.96 -2.05 -18.61
CA VAL A 737 7.98 -3.05 -18.86
C VAL A 737 7.47 -4.39 -18.37
N MET A 738 8.08 -5.46 -18.88
CA MET A 738 7.70 -6.82 -18.54
C MET A 738 8.89 -7.53 -17.91
N ILE A 739 8.66 -8.13 -16.74
CA ILE A 739 9.69 -8.87 -16.02
C ILE A 739 9.15 -10.28 -15.83
N THR A 740 9.52 -11.19 -16.73
CA THR A 740 9.02 -12.56 -16.74
C THR A 740 10.16 -13.54 -16.54
N GLY A 741 9.79 -14.79 -16.32
CA GLY A 741 10.78 -15.85 -16.14
C GLY A 741 10.71 -16.91 -17.22
N ASP A 742 9.97 -16.61 -18.28
CA ASP A 742 9.81 -17.55 -19.38
C ASP A 742 10.90 -17.32 -20.42
N ASN A 743 10.77 -17.97 -21.58
CA ASN A 743 11.78 -17.88 -22.63
C ASN A 743 11.82 -16.47 -23.19
N PRO A 744 12.99 -16.02 -23.67
CA PRO A 744 13.06 -14.69 -24.30
C PRO A 744 12.17 -14.55 -25.53
N LEU A 745 12.03 -15.61 -26.32
CA LEU A 745 11.28 -15.52 -27.56
C LEU A 745 9.77 -15.44 -27.29
N THR A 746 9.28 -16.22 -26.32
CA THR A 746 7.87 -16.13 -25.94
C THR A 746 7.54 -14.77 -25.33
N ALA A 747 8.44 -14.25 -24.50
CA ALA A 747 8.25 -12.93 -23.91
C ALA A 747 8.26 -11.84 -24.98
N VAL A 748 9.15 -11.96 -25.96
CA VAL A 748 9.20 -10.99 -27.06
C VAL A 748 7.93 -11.05 -27.89
N HIS A 749 7.43 -12.26 -28.17
CA HIS A 749 6.19 -12.40 -28.93
C HIS A 749 5.01 -11.81 -28.18
N VAL A 750 4.90 -12.07 -26.88
CA VAL A 750 3.80 -11.52 -26.10
C VAL A 750 3.89 -10.00 -26.02
N ALA A 751 5.10 -9.47 -25.81
CA ALA A 751 5.27 -8.02 -25.74
C ALA A 751 4.95 -7.36 -27.07
N LYS A 752 5.29 -8.02 -28.19
CA LYS A 752 4.92 -7.49 -29.50
C LYS A 752 3.41 -7.51 -29.69
N GLU A 753 2.74 -8.57 -29.20
CA GLU A 753 1.30 -8.65 -29.34
C GLU A 753 0.58 -7.58 -28.51
N VAL A 754 1.08 -7.30 -27.30
CA VAL A 754 0.45 -6.28 -26.45
C VAL A 754 1.14 -4.93 -26.62
N GLU A 755 1.94 -4.75 -27.67
CA GLU A 755 2.49 -3.47 -28.09
C GLU A 755 3.40 -2.82 -27.05
N ILE A 756 4.11 -3.63 -26.25
CA ILE A 756 5.17 -3.07 -25.41
C ILE A 756 6.35 -2.65 -26.27
N VAL A 757 6.75 -3.49 -27.22
CA VAL A 757 7.82 -3.21 -28.17
C VAL A 757 7.22 -3.10 -29.56
N ASP A 758 7.66 -2.10 -30.32
CA ASP A 758 7.11 -1.83 -31.63
C ASP A 758 8.16 -1.76 -32.74
N ARG A 759 9.43 -2.01 -32.43
CA ARG A 759 10.50 -2.03 -33.41
C ARG A 759 11.13 -3.42 -33.45
N ASP A 760 12.22 -3.56 -34.19
CA ASP A 760 12.97 -4.81 -34.19
C ASP A 760 13.60 -5.03 -32.82
N VAL A 761 13.67 -6.30 -32.42
CA VAL A 761 14.07 -6.68 -31.07
C VAL A 761 15.40 -7.43 -31.14
N LEU A 762 16.30 -7.11 -30.22
CA LEU A 762 17.58 -7.80 -30.07
C LEU A 762 17.64 -8.42 -28.68
N ILE A 763 18.09 -9.67 -28.61
CA ILE A 763 18.14 -10.43 -27.37
C ILE A 763 19.60 -10.58 -26.97
N LEU A 764 19.92 -10.20 -25.74
CA LEU A 764 21.28 -10.28 -25.21
C LEU A 764 21.36 -11.55 -24.37
N ASP A 765 21.99 -12.59 -24.92
CA ASP A 765 21.99 -13.89 -24.25
C ASP A 765 23.22 -14.68 -24.69
N ALA A 766 23.61 -15.64 -23.86
CA ALA A 766 24.70 -16.53 -24.19
C ALA A 766 24.26 -17.50 -25.30
N PRO A 767 25.19 -17.91 -26.16
CA PRO A 767 24.87 -18.88 -27.22
C PRO A 767 24.51 -20.26 -26.67
N SER A 776 30.15 -16.01 -25.30
CA SER A 776 29.19 -15.68 -24.26
C SER A 776 28.67 -14.26 -24.43
N LEU A 777 27.40 -14.06 -24.08
CA LEU A 777 26.75 -12.75 -24.06
C LEU A 777 26.77 -12.08 -25.44
N VAL A 778 26.04 -12.66 -26.37
CA VAL A 778 25.94 -12.12 -27.73
C VAL A 778 24.56 -11.48 -27.92
N TRP A 779 24.53 -10.43 -28.74
CA TRP A 779 23.29 -9.92 -29.29
C TRP A 779 22.83 -10.82 -30.43
N ARG A 780 21.56 -11.19 -30.41
CA ARG A 780 20.98 -12.09 -31.39
C ARG A 780 19.64 -11.55 -31.85
N SER A 781 19.26 -11.89 -33.07
CA SER A 781 17.96 -11.48 -33.60
C SER A 781 16.93 -12.58 -33.37
N VAL A 782 15.65 -12.19 -33.42
CA VAL A 782 14.57 -13.16 -33.24
C VAL A 782 14.50 -14.16 -34.38
N ASP A 783 14.91 -13.77 -35.59
CA ASP A 783 15.04 -14.71 -36.70
C ASP A 783 16.42 -15.34 -36.77
N ASP A 784 17.32 -15.00 -35.83
CA ASP A 784 18.66 -15.56 -35.73
C ASP A 784 19.48 -15.33 -37.00
N LYS A 785 19.42 -14.11 -37.53
CA LYS A 785 20.22 -13.72 -38.69
C LYS A 785 21.26 -12.66 -38.34
N ILE A 786 21.27 -12.18 -37.10
CA ILE A 786 22.24 -11.19 -36.64
C ILE A 786 22.89 -11.72 -35.37
N ARG A 787 24.23 -11.72 -35.35
CA ARG A 787 24.98 -12.19 -34.18
C ARG A 787 26.12 -11.21 -33.95
N ILE A 788 26.12 -10.58 -32.77
CA ILE A 788 27.13 -9.58 -32.43
C ILE A 788 27.75 -9.97 -31.08
N ASP A 789 29.07 -10.04 -31.04
CA ASP A 789 29.76 -10.32 -29.78
C ASP A 789 29.97 -9.03 -29.00
N VAL A 790 29.71 -9.09 -27.70
CA VAL A 790 29.90 -7.93 -26.82
C VAL A 790 30.68 -8.38 -25.59
N ASP A 791 31.32 -7.42 -24.94
CA ASP A 791 32.12 -7.63 -23.75
C ASP A 791 31.45 -7.01 -22.53
N PRO A 792 31.45 -7.70 -21.39
CA PRO A 792 30.81 -7.14 -20.19
C PRO A 792 31.44 -5.85 -19.70
N THR A 793 32.75 -5.67 -19.85
CA THR A 793 33.41 -4.46 -19.36
C THR A 793 33.17 -3.25 -20.25
N LYS A 794 33.14 -3.45 -21.56
CA LYS A 794 32.97 -2.34 -22.48
C LYS A 794 31.51 -1.86 -22.48
N PRO A 795 31.30 -0.55 -22.68
CA PRO A 795 29.92 -0.03 -22.70
C PRO A 795 29.17 -0.48 -23.95
N ILE A 796 27.84 -0.36 -23.87
CA ILE A 796 26.98 -0.80 -24.96
C ILE A 796 27.16 0.14 -26.16
N ASP A 797 27.01 -0.43 -27.35
CA ASP A 797 27.17 0.34 -28.57
C ASP A 797 26.05 1.37 -28.70
N PRO A 798 26.38 2.64 -28.95
CA PRO A 798 25.32 3.67 -29.03
C PRO A 798 24.29 3.45 -30.13
N GLU A 799 24.70 2.87 -31.26
CA GLU A 799 23.73 2.62 -32.35
C GLU A 799 22.72 1.57 -31.95
N ILE A 800 23.15 0.55 -31.20
CA ILE A 800 22.23 -0.47 -30.71
C ILE A 800 21.19 0.14 -29.77
N LEU A 801 21.63 1.03 -28.88
CA LEU A 801 20.70 1.70 -27.99
C LEU A 801 19.77 2.64 -28.76
N LYS A 802 20.27 3.24 -29.85
CA LYS A 802 19.49 4.26 -30.54
C LYS A 802 18.44 3.65 -31.46
N THR A 803 18.77 2.59 -32.20
CA THR A 803 17.92 2.12 -33.28
C THR A 803 17.38 0.72 -33.07
N LYS A 804 17.46 0.17 -31.86
CA LYS A 804 16.95 -1.17 -31.60
C LYS A 804 16.21 -1.20 -30.26
N ASP A 805 15.31 -2.18 -30.14
CA ASP A 805 14.60 -2.45 -28.90
C ASP A 805 15.28 -3.64 -28.21
N LEU A 806 15.56 -3.49 -26.93
CA LEU A 806 16.44 -4.39 -26.21
C LEU A 806 15.67 -5.41 -25.40
N CYS A 807 16.23 -6.61 -25.27
CA CYS A 807 15.71 -7.66 -24.40
C CYS A 807 16.88 -8.31 -23.69
N VAL A 808 16.98 -8.08 -22.38
CA VAL A 808 18.13 -8.51 -21.58
C VAL A 808 17.70 -9.70 -20.73
N THR A 809 18.43 -10.81 -20.86
CA THR A 809 18.11 -12.03 -20.13
C THR A 809 18.63 -11.95 -18.70
N GLY A 810 18.56 -13.08 -17.99
CA GLY A 810 19.06 -13.12 -16.64
C GLY A 810 20.56 -13.36 -16.55
N TYR A 811 21.12 -14.09 -17.52
CA TYR A 811 22.55 -14.39 -17.51
C TYR A 811 23.38 -13.13 -17.76
N ALA A 812 23.00 -12.35 -18.76
CA ALA A 812 23.70 -11.10 -19.04
C ALA A 812 23.54 -10.10 -17.92
N LEU A 813 22.35 -10.03 -17.32
CA LEU A 813 22.12 -9.15 -16.18
C LEU A 813 22.97 -9.58 -14.98
N ASN A 814 23.15 -10.90 -14.80
CA ASN A 814 24.02 -11.39 -13.74
C ASN A 814 25.47 -11.01 -14.00
N LYS A 815 25.91 -11.11 -15.26
CA LYS A 815 27.29 -10.79 -15.61
C LYS A 815 27.56 -9.29 -15.70
N PHE A 816 26.53 -8.47 -15.72
CA PHE A 816 26.67 -7.01 -15.78
C PHE A 816 26.48 -6.40 -14.39
N LYS A 817 26.95 -7.09 -13.36
CA LYS A 817 26.61 -6.71 -11.98
C LYS A 817 27.31 -5.43 -11.57
N GLY A 818 28.62 -5.32 -11.83
CA GLY A 818 29.38 -4.20 -11.32
C GLY A 818 30.01 -3.31 -12.38
N GLN A 819 29.80 -3.63 -13.64
CA GLN A 819 30.43 -2.88 -14.72
C GLN A 819 29.65 -1.61 -15.02
N VAL A 820 30.12 -0.88 -16.04
CA VAL A 820 29.54 0.42 -16.35
C VAL A 820 28.27 0.27 -17.19
N GLY A 821 28.01 -0.93 -17.72
CA GLY A 821 26.84 -1.11 -18.56
C GLY A 821 25.54 -1.12 -17.78
N TRP A 822 25.62 -1.43 -16.48
CA TRP A 822 24.42 -1.61 -15.65
C TRP A 822 23.56 -0.36 -15.58
N LYS A 823 24.15 0.82 -15.56
CA LYS A 823 23.38 2.05 -15.52
C LYS A 823 22.73 2.37 -16.87
N SER A 824 23.23 1.80 -17.97
CA SER A 824 22.69 2.07 -19.29
C SER A 824 21.73 1.01 -19.79
N LEU A 825 21.78 -0.21 -19.23
CA LEU A 825 20.83 -1.23 -19.64
C LEU A 825 19.44 -0.94 -19.09
N LEU A 826 19.35 -0.59 -17.80
CA LEU A 826 18.07 -0.40 -17.14
C LEU A 826 17.28 0.79 -17.68
N ARG A 827 17.92 1.67 -18.45
CA ARG A 827 17.22 2.78 -19.08
C ARG A 827 16.74 2.45 -20.49
N TYR A 828 17.25 1.38 -21.11
CA TYR A 828 16.93 1.09 -22.50
C TYR A 828 16.40 -0.33 -22.70
N THR A 829 15.91 -0.97 -21.64
CA THR A 829 15.40 -2.33 -21.73
C THR A 829 13.96 -2.36 -21.23
N TRP A 830 13.07 -2.96 -22.03
CA TRP A 830 11.66 -3.07 -21.66
C TRP A 830 11.22 -4.49 -21.37
N VAL A 831 11.96 -5.50 -21.81
CA VAL A 831 11.58 -6.89 -21.65
C VAL A 831 12.74 -7.65 -21.02
N TYR A 832 12.62 -7.98 -19.73
CA TYR A 832 13.55 -8.86 -19.06
C TYR A 832 12.97 -10.27 -19.02
N ALA A 833 13.77 -11.25 -19.41
CA ALA A 833 13.30 -12.63 -19.48
C ALA A 833 14.28 -13.54 -18.75
N ARG A 834 13.74 -14.67 -18.25
CA ARG A 834 14.51 -15.72 -17.59
C ARG A 834 15.25 -15.20 -16.36
N VAL A 835 14.53 -14.50 -15.49
CA VAL A 835 15.12 -13.94 -14.27
C VAL A 835 14.60 -14.72 -13.07
N SER A 836 15.51 -15.02 -12.14
CA SER A 836 15.16 -15.65 -10.88
C SER A 836 14.45 -14.63 -9.97
N PRO A 837 13.71 -15.10 -8.96
CA PRO A 837 12.98 -14.16 -8.10
C PRO A 837 13.84 -13.15 -7.35
N LYS A 838 15.13 -13.45 -7.14
CA LYS A 838 16.01 -12.45 -6.54
C LYS A 838 16.35 -11.35 -7.53
N GLN A 839 16.55 -11.70 -8.80
CA GLN A 839 16.90 -10.71 -9.81
C GLN A 839 15.74 -9.76 -10.10
N LYS A 840 14.50 -10.17 -9.85
CA LYS A 840 13.37 -9.25 -10.00
C LYS A 840 13.46 -8.11 -9.00
N GLU A 841 13.74 -8.43 -7.73
CA GLU A 841 13.93 -7.39 -6.74
C GLU A 841 15.21 -6.61 -6.99
N ASP A 842 16.22 -7.26 -7.60
CA ASP A 842 17.42 -6.54 -8.00
C ASP A 842 17.11 -5.47 -9.04
N ILE A 843 16.31 -5.82 -10.05
CA ILE A 843 15.91 -4.87 -11.08
C ILE A 843 15.06 -3.76 -10.48
N LEU A 844 14.14 -4.11 -9.57
CA LEU A 844 13.29 -3.09 -8.94
C LEU A 844 14.12 -2.12 -8.11
N LEU A 845 15.09 -2.63 -7.35
CA LEU A 845 15.97 -1.76 -6.57
C LEU A 845 16.83 -0.89 -7.46
N GLY A 846 17.33 -1.45 -8.56
CA GLY A 846 18.13 -0.65 -9.48
C GLY A 846 17.34 0.47 -10.14
N LEU A 847 16.10 0.19 -10.50
CA LEU A 847 15.24 1.23 -11.08
C LEU A 847 14.81 2.25 -10.05
N LYS A 848 14.67 1.83 -8.78
CA LYS A 848 14.31 2.78 -7.74
C LYS A 848 15.48 3.66 -7.33
N ASP A 849 16.71 3.17 -7.47
CA ASP A 849 17.87 3.94 -7.03
C ASP A 849 18.23 5.07 -8.00
N MET A 850 17.68 5.07 -9.21
CA MET A 850 17.98 6.10 -10.19
C MET A 850 17.01 7.26 -10.14
N GLY A 851 16.04 7.24 -9.24
CA GLY A 851 15.13 8.35 -9.05
C GLY A 851 13.72 8.12 -9.55
N TYR A 852 13.46 7.04 -10.28
CA TYR A 852 12.13 6.79 -10.79
C TYR A 852 11.22 6.23 -9.70
N TYR A 853 9.92 6.26 -9.98
CA TYR A 853 8.91 5.64 -9.14
C TYR A 853 8.38 4.42 -9.87
N THR A 854 8.24 3.30 -9.16
CA THR A 854 7.94 2.02 -9.79
C THR A 854 6.68 1.41 -9.20
N LEU A 855 5.96 0.69 -10.04
CA LEU A 855 4.79 -0.09 -9.64
C LEU A 855 4.98 -1.52 -10.13
N MET A 856 4.62 -2.49 -9.29
CA MET A 856 4.76 -3.89 -9.64
C MET A 856 3.43 -4.61 -9.42
N ALA A 857 3.01 -5.37 -10.41
CA ALA A 857 1.74 -6.11 -10.38
C ALA A 857 2.04 -7.58 -10.63
N GLY A 858 1.95 -8.40 -9.58
CA GLY A 858 2.24 -9.81 -9.70
C GLY A 858 1.13 -10.65 -9.09
N ASP A 859 1.20 -11.95 -9.33
CA ASP A 859 0.21 -12.87 -8.79
C ASP A 859 0.84 -14.19 -8.36
N GLY A 860 2.10 -14.16 -7.94
CA GLY A 860 2.75 -15.42 -7.63
C GLY A 860 3.74 -15.28 -6.49
N THR A 861 4.38 -16.41 -6.18
CA THR A 861 5.42 -16.42 -5.15
C THR A 861 6.75 -15.93 -5.70
N ASN A 862 6.86 -15.83 -7.02
CA ASN A 862 8.07 -15.28 -7.62
C ASN A 862 8.22 -13.80 -7.30
N ASP A 863 7.13 -13.06 -7.35
CA ASP A 863 7.15 -11.60 -7.24
C ASP A 863 6.98 -11.10 -5.81
N VAL A 864 6.91 -11.99 -4.82
CA VAL A 864 6.67 -11.57 -3.45
C VAL A 864 7.80 -10.67 -2.96
N GLY A 865 9.04 -11.01 -3.29
CA GLY A 865 10.15 -10.12 -2.98
C GLY A 865 10.10 -8.82 -3.75
N ALA A 866 9.62 -8.88 -4.99
CA ALA A 866 9.56 -7.67 -5.82
C ALA A 866 8.39 -6.77 -5.42
N LEU A 867 7.29 -7.36 -4.95
CA LEU A 867 6.12 -6.56 -4.60
C LEU A 867 6.36 -5.69 -3.39
N LYS A 868 7.24 -6.10 -2.48
CA LYS A 868 7.49 -5.36 -1.26
C LYS A 868 8.60 -4.33 -1.39
N GLN A 869 9.17 -4.17 -2.58
CA GLN A 869 10.19 -3.16 -2.82
C GLN A 869 9.72 -2.03 -3.71
N ALA A 870 8.78 -2.28 -4.62
CA ALA A 870 8.24 -1.22 -5.45
C ALA A 870 7.40 -0.27 -4.60
N HIS A 871 7.24 0.96 -5.11
CA HIS A 871 6.48 1.96 -4.39
C HIS A 871 5.00 1.59 -4.29
N VAL A 872 4.45 0.97 -5.33
CA VAL A 872 3.10 0.44 -5.32
C VAL A 872 3.16 -1.04 -5.69
N GLY A 873 2.51 -1.87 -4.89
CA GLY A 873 2.49 -3.29 -5.14
C GLY A 873 1.09 -3.87 -5.22
N VAL A 874 0.75 -4.45 -6.35
CA VAL A 874 -0.57 -5.04 -6.59
C VAL A 874 -0.40 -6.55 -6.71
N ALA A 875 -1.23 -7.29 -5.99
CA ALA A 875 -1.25 -8.75 -6.03
C ALA A 875 -2.58 -9.18 -6.63
N LEU A 876 -2.55 -9.55 -7.90
CA LEU A 876 -3.77 -9.93 -8.62
C LEU A 876 -4.23 -11.30 -8.16
N LEU A 877 -5.13 -11.32 -7.18
CA LEU A 877 -5.73 -12.57 -6.71
C LEU A 877 -6.76 -12.99 -7.75
N ASN A 878 -6.37 -13.93 -8.61
CA ASN A 878 -7.24 -14.38 -9.71
C ASN A 878 -8.40 -15.16 -9.13
N GLY A 879 -9.59 -14.59 -9.21
CA GLY A 879 -10.79 -15.23 -8.70
C GLY A 879 -12.00 -14.78 -9.48
N THR A 880 -12.99 -15.66 -9.59
CA THR A 880 -14.18 -15.37 -10.37
C THR A 880 -15.13 -14.47 -9.60
N GLN A 881 -16.03 -13.82 -10.34
CA GLN A 881 -17.04 -12.97 -9.74
C GLN A 881 -18.10 -13.80 -9.02
N GLU A 882 -18.30 -15.06 -9.46
CA GLU A 882 -19.30 -15.92 -8.84
C GLU A 882 -18.93 -16.27 -7.39
N ASP A 883 -17.63 -16.33 -7.09
CA ASP A 883 -17.21 -16.56 -5.71
C ASP A 883 -17.61 -15.38 -4.83
N LEU A 884 -17.48 -14.15 -5.33
CA LEU A 884 -17.92 -12.99 -4.57
C LEU A 884 -19.45 -12.93 -4.48
N ASN A 885 -20.14 -13.38 -5.52
CA ASN A 885 -21.60 -13.42 -5.49
C ASN A 885 -22.11 -14.46 -4.51
N ARG A 886 -21.34 -15.53 -4.28
CA ARG A 886 -21.75 -16.55 -3.33
C ARG A 886 -21.73 -16.01 -1.90
N ILE A 887 -20.79 -15.13 -1.59
CA ILE A 887 -20.69 -14.54 -0.26
C ILE A 887 -21.78 -13.49 -0.08
N LYS A 1011 -14.11 -5.99 4.06
CA LYS A 1011 -13.81 -7.34 3.60
C LYS A 1011 -12.31 -7.58 3.52
N LEU A 1012 -11.60 -7.33 4.62
CA LEU A 1012 -10.16 -7.54 4.67
C LEU A 1012 -9.79 -8.95 5.15
N GLY A 1013 -10.77 -9.78 5.46
CA GLY A 1013 -10.52 -11.14 5.90
C GLY A 1013 -9.93 -12.03 4.83
N ASP A 1014 -10.48 -11.95 3.61
CA ASP A 1014 -9.96 -12.76 2.52
C ASP A 1014 -8.73 -12.14 1.86
N ALA A 1015 -8.46 -10.87 2.11
CA ALA A 1015 -7.29 -10.22 1.55
C ALA A 1015 -6.01 -10.79 2.16
N SER A 1016 -4.98 -10.89 1.33
CA SER A 1016 -3.69 -11.41 1.75
C SER A 1016 -2.82 -10.28 2.28
N VAL A 1017 -1.59 -10.62 2.66
CA VAL A 1017 -0.60 -9.66 3.13
C VAL A 1017 0.67 -9.71 2.29
N ALA A 1018 0.57 -10.22 1.06
CA ALA A 1018 1.74 -10.30 0.19
C ALA A 1018 2.10 -8.94 -0.42
N ALA A 1019 1.11 -8.11 -0.69
CA ALA A 1019 1.32 -6.79 -1.29
C ALA A 1019 0.44 -5.78 -0.58
N PRO A 1020 0.83 -4.50 -0.57
CA PRO A 1020 -0.03 -3.48 0.01
C PRO A 1020 -1.40 -3.38 -0.65
N PHE A 1021 -1.48 -3.55 -1.96
CA PHE A 1021 -2.74 -3.53 -2.68
C PHE A 1021 -3.16 -4.95 -3.04
N THR A 1022 -4.45 -5.15 -3.23
CA THR A 1022 -4.95 -6.48 -3.55
C THR A 1022 -6.25 -6.35 -4.34
N SER A 1023 -6.30 -6.94 -5.53
CA SER A 1023 -7.51 -6.97 -6.34
C SER A 1023 -7.98 -8.42 -6.45
N LYS A 1024 -9.25 -8.66 -6.15
CA LYS A 1024 -9.79 -10.01 -6.09
C LYS A 1024 -10.34 -10.50 -7.41
N LEU A 1025 -10.24 -9.72 -8.48
CA LEU A 1025 -10.72 -10.12 -9.79
C LEU A 1025 -9.56 -10.32 -10.74
N ARG A 1026 -9.86 -10.91 -11.91
CA ARG A 1026 -8.85 -11.30 -12.88
C ARG A 1026 -8.81 -10.33 -14.07
N ASN A 1027 -9.05 -9.05 -13.85
CA ASN A 1027 -9.04 -8.06 -14.91
C ASN A 1027 -7.79 -7.20 -14.79
N VAL A 1028 -7.06 -7.05 -15.91
CA VAL A 1028 -5.86 -6.22 -15.94
C VAL A 1028 -6.18 -4.74 -15.82
N MET A 1029 -7.43 -4.34 -16.07
CA MET A 1029 -7.85 -2.96 -15.99
C MET A 1029 -7.90 -2.42 -14.57
N ALA A 1030 -7.62 -3.27 -13.57
CA ALA A 1030 -7.55 -2.78 -12.19
C ALA A 1030 -6.34 -1.89 -11.97
N ILE A 1031 -5.28 -2.10 -12.76
CA ILE A 1031 -4.07 -1.27 -12.60
C ILE A 1031 -4.31 0.19 -13.00
N PRO A 1032 -4.94 0.51 -14.13
CA PRO A 1032 -5.26 1.94 -14.39
C PRO A 1032 -6.19 2.56 -13.36
N ASN A 1033 -7.07 1.76 -12.74
CA ASN A 1033 -8.02 2.29 -11.76
C ASN A 1033 -7.34 2.71 -10.47
N ILE A 1034 -6.08 2.39 -10.27
CA ILE A 1034 -5.31 2.88 -9.12
C ILE A 1034 -4.58 4.16 -9.47
N LEU A 1035 -3.94 4.18 -10.64
CA LEU A 1035 -3.21 5.36 -11.09
C LEU A 1035 -4.13 6.51 -11.45
N ARG A 1036 -5.41 6.24 -11.72
CA ARG A 1036 -6.36 7.32 -11.90
C ARG A 1036 -6.86 7.87 -10.56
N GLN A 1037 -7.04 6.99 -9.58
CA GLN A 1037 -7.51 7.43 -8.26
C GLN A 1037 -6.45 8.26 -7.56
N GLY A 1038 -5.18 7.88 -7.67
CA GLY A 1038 -4.12 8.70 -7.10
C GLY A 1038 -4.03 10.07 -7.74
N ARG A 1039 -4.22 10.13 -9.06
CA ARG A 1039 -4.23 11.38 -9.78
C ARG A 1039 -5.38 12.28 -9.32
N CYS A 1040 -6.57 11.70 -9.16
CA CYS A 1040 -7.71 12.48 -8.65
C CYS A 1040 -7.48 12.96 -7.23
N THR A 1041 -6.83 12.13 -6.39
CA THR A 1041 -6.50 12.55 -5.03
C THR A 1041 -5.58 13.77 -5.05
N LEU A 1042 -4.54 13.74 -5.88
CA LEU A 1042 -3.62 14.88 -5.95
C LEU A 1042 -4.33 16.14 -6.46
N VAL A 1043 -5.19 16.00 -7.48
CA VAL A 1043 -5.90 17.14 -8.03
C VAL A 1043 -6.82 17.76 -6.97
N ALA A 1044 -7.57 16.93 -6.25
CA ALA A 1044 -8.48 17.44 -5.22
C ALA A 1044 -7.71 18.12 -4.10
N THR A 1045 -6.56 17.57 -3.71
CA THR A 1045 -5.73 18.21 -2.68
C THR A 1045 -5.26 19.58 -3.12
N ILE A 1046 -4.80 19.71 -4.36
CA ILE A 1046 -4.33 21.01 -4.86
C ILE A 1046 -5.47 22.02 -4.88
N GLN A 1047 -6.64 21.61 -5.35
CA GLN A 1047 -7.76 22.55 -5.42
C GLN A 1047 -8.24 22.96 -4.03
N MET A 1048 -8.19 22.05 -3.04
CA MET A 1048 -8.60 22.43 -1.70
C MET A 1048 -7.60 23.38 -1.06
N TYR A 1049 -6.30 23.16 -1.30
CA TYR A 1049 -5.29 24.10 -0.82
C TYR A 1049 -5.52 25.49 -1.37
N LYS A 1050 -5.75 25.59 -2.68
CA LYS A 1050 -5.97 26.90 -3.30
C LYS A 1050 -7.22 27.57 -2.76
N ILE A 1051 -8.32 26.81 -2.62
CA ILE A 1051 -9.58 27.40 -2.16
C ILE A 1051 -9.45 27.91 -0.73
N LEU A 1052 -8.85 27.12 0.16
CA LEU A 1052 -8.69 27.56 1.55
C LEU A 1052 -7.78 28.78 1.65
N ALA A 1053 -6.65 28.77 0.93
CA ALA A 1053 -5.71 29.88 1.03
C ALA A 1053 -6.27 31.15 0.42
N LEU A 1054 -7.17 31.04 -0.54
CA LEU A 1054 -7.80 32.25 -1.08
C LEU A 1054 -9.03 32.70 -0.31
N ASN A 1055 -9.66 31.80 0.44
CA ASN A 1055 -10.79 32.20 1.27
C ASN A 1055 -10.38 32.82 2.59
N CYS A 1056 -9.21 32.47 3.13
CA CYS A 1056 -8.78 33.09 4.39
C CYS A 1056 -8.32 34.53 4.18
N LEU A 1057 -7.57 34.78 3.11
CA LEU A 1057 -6.97 36.09 2.88
C LEU A 1057 -8.03 37.15 2.60
N ILE A 1058 -9.12 36.77 1.93
CA ILE A 1058 -10.20 37.72 1.63
C ILE A 1058 -10.82 38.22 2.92
N SER A 1059 -11.12 37.31 3.84
CA SER A 1059 -11.69 37.71 5.13
C SER A 1059 -10.71 38.56 5.93
N ALA A 1060 -9.42 38.18 5.92
CA ALA A 1060 -8.43 38.95 6.67
C ALA A 1060 -8.32 40.38 6.15
N TYR A 1061 -8.19 40.54 4.83
CA TYR A 1061 -8.03 41.88 4.26
C TYR A 1061 -9.33 42.65 4.14
N SER A 1062 -10.49 42.00 4.36
CA SER A 1062 -11.72 42.75 4.51
C SER A 1062 -11.91 43.27 5.93
N LEU A 1063 -11.56 42.46 6.94
CA LEU A 1063 -11.58 42.94 8.31
C LEU A 1063 -10.58 44.06 8.52
N SER A 1064 -9.41 43.96 7.87
CA SER A 1064 -8.41 45.01 7.98
C SER A 1064 -8.91 46.34 7.40
N VAL A 1065 -9.64 46.28 6.29
CA VAL A 1065 -10.19 47.50 5.70
C VAL A 1065 -11.30 48.06 6.58
N LEU A 1066 -12.16 47.19 7.12
CA LEU A 1066 -13.25 47.66 7.97
C LEU A 1066 -12.77 48.22 9.31
N TYR A 1067 -11.62 47.79 9.81
CA TYR A 1067 -11.15 48.26 11.11
C TYR A 1067 -10.36 49.56 11.03
N LEU A 1068 -10.11 50.11 9.84
CA LEU A 1068 -9.46 51.41 9.75
C LEU A 1068 -10.41 52.57 10.08
N GLU A 1069 -11.72 52.36 9.97
CA GLU A 1069 -12.70 53.40 10.24
C GLU A 1069 -13.43 53.21 11.56
N GLY A 1070 -13.13 52.14 12.31
CA GLY A 1070 -13.74 51.91 13.60
C GLY A 1070 -15.04 51.14 13.58
N ILE A 1071 -15.67 50.99 12.41
CA ILE A 1071 -16.90 50.21 12.31
C ILE A 1071 -16.55 48.74 12.25
N LYS A 1072 -17.53 47.87 12.47
CA LYS A 1072 -17.29 46.44 12.50
C LYS A 1072 -18.48 45.70 11.92
N PHE A 1073 -18.24 44.44 11.56
CA PHE A 1073 -19.28 43.60 10.98
C PHE A 1073 -20.38 43.30 12.00
N GLY A 1074 -21.60 43.17 11.50
CA GLY A 1074 -22.70 42.74 12.34
C GLY A 1074 -22.63 41.25 12.63
N ASP A 1075 -23.35 40.86 13.69
CA ASP A 1075 -23.36 39.45 14.09
C ASP A 1075 -24.12 38.60 13.08
N GLY A 1076 -25.31 39.04 12.69
CA GLY A 1076 -26.11 38.28 11.75
C GLY A 1076 -25.48 38.19 10.38
N GLN A 1077 -24.83 39.27 9.94
CA GLN A 1077 -24.18 39.28 8.63
C GLN A 1077 -23.07 38.24 8.56
N ILE A 1078 -22.18 38.22 9.56
CA ILE A 1078 -21.07 37.29 9.54
C ILE A 1078 -21.55 35.86 9.78
N THR A 1079 -22.61 35.67 10.57
CA THR A 1079 -23.17 34.33 10.73
C THR A 1079 -23.77 33.80 9.43
N ILE A 1080 -24.49 34.65 8.71
CA ILE A 1080 -25.06 34.26 7.42
C ILE A 1080 -23.96 33.94 6.42
N SER A 1081 -22.89 34.77 6.41
CA SER A 1081 -21.76 34.50 5.52
C SER A 1081 -21.10 33.17 5.84
N GLY A 1082 -20.89 32.87 7.12
CA GLY A 1082 -20.29 31.59 7.50
C GLY A 1082 -21.17 30.41 7.12
N MET A 1083 -22.48 30.52 7.33
CA MET A 1083 -23.38 29.45 6.96
C MET A 1083 -23.40 29.22 5.45
N LEU A 1084 -23.38 30.31 4.67
CA LEU A 1084 -23.36 30.17 3.21
C LEU A 1084 -22.05 29.54 2.74
N MET A 1085 -20.93 29.90 3.37
CA MET A 1085 -19.67 29.27 3.00
C MET A 1085 -19.65 27.79 3.36
N SER A 1086 -20.24 27.42 4.49
CA SER A 1086 -20.35 26.01 4.84
C SER A 1086 -21.21 25.25 3.84
N VAL A 1087 -22.31 25.86 3.39
CA VAL A 1087 -23.18 25.23 2.40
C VAL A 1087 -22.43 25.06 1.08
N CYS A 1088 -21.66 26.07 0.67
CA CYS A 1088 -20.86 25.97 -0.54
C CYS A 1088 -19.81 24.88 -0.44
N PHE A 1089 -19.16 24.76 0.71
CA PHE A 1089 -18.18 23.69 0.92
C PHE A 1089 -18.84 22.32 0.86
N LEU A 1090 -20.03 22.19 1.43
CA LEU A 1090 -20.76 20.92 1.35
C LEU A 1090 -21.13 20.60 -0.09
N SER A 1091 -21.55 21.60 -0.86
CA SER A 1091 -21.98 21.35 -2.23
C SER A 1091 -20.82 21.03 -3.16
N ILE A 1092 -19.65 21.64 -2.94
CA ILE A 1092 -18.52 21.43 -3.85
C ILE A 1092 -17.79 20.13 -3.59
N SER A 1093 -18.06 19.45 -2.48
CA SER A 1093 -17.34 18.23 -2.13
C SER A 1093 -17.73 17.05 -3.02
N ARG A 1094 -18.83 17.13 -3.75
CA ARG A 1094 -19.27 16.04 -4.62
C ARG A 1094 -18.52 16.13 -5.94
N ALA A 1095 -17.83 15.05 -6.31
CA ALA A 1095 -17.06 15.02 -7.54
C ALA A 1095 -16.88 13.59 -8.00
N ARG A 1096 -16.97 13.38 -9.32
CA ARG A 1096 -16.75 12.10 -9.95
C ARG A 1096 -15.47 12.13 -10.77
N SER A 1097 -15.14 11.00 -11.40
CA SER A 1097 -13.90 10.87 -12.15
C SER A 1097 -14.20 10.54 -13.60
N VAL A 1098 -13.27 10.90 -14.48
CA VAL A 1098 -13.38 10.61 -15.91
C VAL A 1098 -13.05 9.15 -16.14
N GLU A 1099 -13.36 8.65 -17.33
CA GLU A 1099 -13.18 7.24 -17.66
C GLU A 1099 -11.86 6.93 -18.32
N GLY A 1100 -10.96 7.91 -18.46
CA GLY A 1100 -9.69 7.67 -19.13
C GLY A 1100 -8.58 8.47 -18.48
N LEU A 1101 -7.35 8.01 -18.73
CA LEU A 1101 -6.15 8.70 -18.26
C LEU A 1101 -5.70 9.71 -19.31
N SER A 1102 -5.25 10.87 -18.84
CA SER A 1102 -4.79 11.94 -19.71
C SER A 1102 -3.28 12.07 -19.64
N LYS A 1103 -2.73 12.86 -20.56
CA LYS A 1103 -1.28 13.00 -20.70
C LYS A 1103 -0.67 14.01 -19.74
N GLU A 1104 -1.48 14.67 -18.92
CA GLU A 1104 -1.00 15.72 -18.02
C GLU A 1104 -0.85 15.14 -16.62
N ARG A 1105 0.33 15.29 -16.05
CA ARG A 1105 0.57 14.83 -14.68
C ARG A 1105 0.44 15.98 -13.70
N PRO A 1106 -0.37 15.84 -12.65
CA PRO A 1106 -0.57 16.93 -11.71
C PRO A 1106 0.63 17.17 -10.82
N GLN A 1107 0.74 18.41 -10.34
CA GLN A 1107 1.84 18.76 -9.46
C GLN A 1107 1.70 18.06 -8.10
N PRO A 1108 2.78 17.51 -7.56
CA PRO A 1108 2.66 16.71 -6.34
C PRO A 1108 2.79 17.48 -5.04
N ASN A 1109 3.30 18.72 -5.09
CA ASN A 1109 3.58 19.47 -3.88
C ASN A 1109 2.94 20.86 -3.95
N ILE A 1110 3.03 21.58 -2.83
CA ILE A 1110 2.37 22.88 -2.73
C ILE A 1110 3.19 23.96 -3.40
N PHE A 1111 4.48 24.05 -3.07
CA PHE A 1111 5.32 25.18 -3.51
C PHE A 1111 5.75 24.95 -4.96
N ASN A 1112 4.86 25.34 -5.87
CA ASN A 1112 5.16 25.34 -7.29
C ASN A 1112 5.04 26.74 -7.84
N PHE A 1113 5.14 26.90 -9.16
CA PHE A 1113 4.85 28.17 -9.81
C PHE A 1113 3.42 28.23 -10.34
N TYR A 1114 2.60 27.24 -10.01
CA TYR A 1114 1.19 27.21 -10.36
C TYR A 1114 0.29 27.60 -9.20
N ILE A 1115 0.58 27.12 -7.99
CA ILE A 1115 -0.22 27.48 -6.83
C ILE A 1115 0.12 28.88 -6.36
N ILE A 1116 1.42 29.17 -6.20
CA ILE A 1116 1.86 30.44 -5.64
C ILE A 1116 1.48 31.60 -6.56
N GLY A 1117 1.73 31.43 -7.86
CA GLY A 1117 1.43 32.51 -8.79
C GLY A 1117 -0.06 32.81 -8.90
N SER A 1118 -0.88 31.76 -8.99
CA SER A 1118 -2.32 31.96 -9.08
C SER A 1118 -2.88 32.58 -7.79
N ILE A 1119 -2.39 32.12 -6.64
CA ILE A 1119 -2.84 32.67 -5.36
C ILE A 1119 -2.48 34.15 -5.26
N LEU A 1120 -1.25 34.50 -5.63
CA LEU A 1120 -0.82 35.89 -5.54
C LEU A 1120 -1.58 36.77 -6.53
N GLY A 1121 -1.82 36.28 -7.75
CA GLY A 1121 -2.55 37.07 -8.73
C GLY A 1121 -3.99 37.33 -8.32
N GLN A 1122 -4.68 36.28 -7.86
CA GLN A 1122 -6.08 36.46 -7.44
C GLN A 1122 -6.17 37.31 -6.18
N PHE A 1123 -5.20 37.18 -5.27
CA PHE A 1123 -5.15 38.03 -4.08
C PHE A 1123 -4.95 39.49 -4.46
N ALA A 1124 -4.07 39.76 -5.43
CA ALA A 1124 -3.84 41.13 -5.88
C ALA A 1124 -5.09 41.72 -6.53
N VAL A 1125 -5.79 40.93 -7.34
CA VAL A 1125 -7.00 41.42 -7.99
C VAL A 1125 -8.06 41.76 -6.94
N HIS A 1126 -8.26 40.86 -5.97
CA HIS A 1126 -9.25 41.09 -4.92
C HIS A 1126 -8.89 42.31 -4.08
N VAL A 1127 -7.62 42.46 -3.73
CA VAL A 1127 -7.19 43.60 -2.93
C VAL A 1127 -7.40 44.91 -3.69
N ALA A 1128 -7.08 44.93 -4.98
CA ALA A 1128 -7.26 46.15 -5.78
C ALA A 1128 -8.74 46.53 -5.85
N THR A 1129 -9.61 45.55 -6.11
CA THR A 1129 -11.04 45.85 -6.19
C THR A 1129 -11.59 46.35 -4.86
N LEU A 1130 -11.18 45.71 -3.75
CA LEU A 1130 -11.68 46.12 -2.44
C LEU A 1130 -11.19 47.52 -2.07
N ILE A 1131 -9.92 47.83 -2.36
CA ILE A 1131 -9.39 49.14 -2.06
C ILE A 1131 -10.10 50.20 -2.89
N TYR A 1132 -10.36 49.91 -4.17
CA TYR A 1132 -11.06 50.86 -5.02
C TYR A 1132 -12.47 51.14 -4.52
N ILE A 1133 -13.19 50.08 -4.12
CA ILE A 1133 -14.57 50.31 -3.69
C ILE A 1133 -14.59 51.02 -2.33
N ALA A 1134 -13.61 50.77 -1.46
CA ALA A 1134 -13.55 51.48 -0.20
C ALA A 1134 -13.25 52.96 -0.42
N GLN A 1135 -12.33 53.27 -1.35
CA GLN A 1135 -12.03 54.66 -1.65
C GLN A 1135 -13.23 55.36 -2.26
N LEU A 1136 -13.97 54.68 -3.14
CA LEU A 1136 -15.16 55.30 -3.73
C LEU A 1136 -16.25 55.53 -2.69
N CYS A 1137 -16.40 54.58 -1.75
CA CYS A 1137 -17.36 54.78 -0.66
C CYS A 1137 -16.98 55.96 0.21
N ASP A 1138 -15.68 56.12 0.49
CA ASP A 1138 -15.22 57.28 1.25
C ASP A 1138 -15.45 58.57 0.49
N GLN A 1139 -15.27 58.54 -0.83
CA GLN A 1139 -15.46 59.75 -1.63
C GLN A 1139 -16.94 60.16 -1.69
N ILE A 1140 -17.84 59.20 -1.86
CA ILE A 1140 -19.26 59.53 -1.99
C ILE A 1140 -19.81 60.05 -0.67
N GLU A 1141 -19.55 59.32 0.42
CA GLU A 1141 -20.05 59.71 1.74
C GLU A 1141 -18.88 60.11 2.63
N PRO A 1142 -18.81 61.34 3.10
CA PRO A 1142 -17.67 61.78 3.91
C PRO A 1142 -17.73 61.21 5.32
N ARG A 1143 -16.56 61.20 5.95
CA ARG A 1143 -16.40 60.72 7.32
C ARG A 1143 -16.32 61.89 8.28
N THR A 1144 -17.01 61.77 9.41
CA THR A 1144 -16.99 62.82 10.43
C THR A 1144 -15.74 62.79 11.30
N GLU A 1145 -14.94 61.72 11.20
CA GLU A 1145 -13.68 61.55 11.93
C GLU A 1145 -13.87 61.56 13.45
N VAL A 1146 -15.07 61.25 13.93
CA VAL A 1146 -15.37 61.18 15.35
C VAL A 1146 -15.88 59.77 15.64
N ILE A 1147 -15.10 59.02 16.42
CA ILE A 1147 -15.47 57.67 16.82
C ILE A 1147 -15.97 57.77 18.26
N ASP A 1148 -17.29 57.70 18.43
CA ASP A 1148 -17.87 57.84 19.75
C ASP A 1148 -17.64 56.59 20.60
N LEU A 1149 -17.94 56.71 21.89
CA LEU A 1149 -17.75 55.59 22.81
C LEU A 1149 -18.73 54.46 22.53
N GLU A 1150 -19.90 54.80 21.98
CA GLU A 1150 -20.90 53.79 21.68
C GLU A 1150 -20.43 52.90 20.53
N ALA A 1151 -20.40 51.59 20.78
CA ALA A 1151 -19.95 50.61 19.80
C ALA A 1151 -21.08 49.78 19.23
N GLU A 1152 -22.33 50.20 19.41
CA GLU A 1152 -23.46 49.48 18.84
C GLU A 1152 -23.43 49.58 17.32
N PHE A 1153 -23.69 48.45 16.66
CA PHE A 1153 -23.62 48.41 15.21
C PHE A 1153 -24.76 49.20 14.59
N LYS A 1154 -24.43 50.06 13.62
CA LYS A 1154 -25.41 50.83 12.88
C LYS A 1154 -25.23 50.60 11.39
N PRO A 1155 -26.31 50.69 10.61
CA PRO A 1155 -26.18 50.53 9.15
C PRO A 1155 -25.38 51.65 8.53
N SER A 1156 -24.61 51.31 7.50
CA SER A 1156 -23.77 52.28 6.80
C SER A 1156 -23.54 51.78 5.38
N LEU A 1157 -23.11 52.71 4.52
CA LEU A 1157 -22.84 52.36 3.12
C LEU A 1157 -21.57 51.52 3.00
N LEU A 1158 -20.52 51.89 3.74
CA LEU A 1158 -19.25 51.18 3.65
C LEU A 1158 -19.38 49.73 4.12
N ASN A 1159 -20.10 49.52 5.22
CA ASN A 1159 -20.27 48.18 5.75
C ASN A 1159 -21.02 47.28 4.76
N SER A 1160 -22.11 47.80 4.19
CA SER A 1160 -22.89 47.01 3.24
C SER A 1160 -22.10 46.71 1.97
N ALA A 1161 -21.37 47.71 1.45
CA ALA A 1161 -20.59 47.50 0.25
C ALA A 1161 -19.48 46.48 0.46
N VAL A 1162 -18.77 46.58 1.58
CA VAL A 1162 -17.68 45.65 1.87
C VAL A 1162 -18.22 44.24 2.09
N TYR A 1163 -19.34 44.12 2.80
CA TYR A 1163 -19.93 42.81 3.06
C TYR A 1163 -20.37 42.14 1.76
N LEU A 1164 -21.08 42.88 0.89
CA LEU A 1164 -21.52 42.31 -0.38
C LEU A 1164 -20.33 41.94 -1.26
N LEU A 1165 -19.30 42.80 -1.30
CA LEU A 1165 -18.14 42.50 -2.14
C LEU A 1165 -17.40 41.27 -1.64
N GLN A 1166 -17.24 41.12 -0.32
CA GLN A 1166 -16.51 39.96 0.17
C GLN A 1166 -17.31 38.67 -0.02
N LEU A 1167 -18.65 38.74 0.10
CA LEU A 1167 -19.46 37.57 -0.20
C LEU A 1167 -19.32 37.15 -1.66
N ILE A 1168 -19.43 38.13 -2.58
CA ILE A 1168 -19.33 37.82 -4.00
C ILE A 1168 -17.93 37.33 -4.35
N GLN A 1169 -16.90 37.89 -3.70
CA GLN A 1169 -15.54 37.46 -3.97
C GLN A 1169 -15.28 36.04 -3.49
N GLN A 1170 -15.83 35.66 -2.33
CA GLN A 1170 -15.69 34.29 -1.87
C GLN A 1170 -16.41 33.32 -2.80
N ILE A 1171 -17.60 33.69 -3.27
CA ILE A 1171 -18.33 32.82 -4.19
C ILE A 1171 -17.58 32.69 -5.52
N SER A 1172 -17.00 33.79 -6.01
CA SER A 1172 -16.22 33.75 -7.23
C SER A 1172 -14.95 32.91 -7.08
N THR A 1173 -14.32 32.97 -5.91
CA THR A 1173 -13.16 32.11 -5.64
C THR A 1173 -13.56 30.63 -5.66
N PHE A 1174 -14.73 30.31 -5.10
CA PHE A 1174 -15.22 28.94 -5.18
C PHE A 1174 -15.51 28.53 -6.62
N ALA A 1175 -16.07 29.44 -7.41
CA ALA A 1175 -16.49 29.08 -8.77
C ALA A 1175 -15.31 28.97 -9.73
N VAL A 1176 -14.25 29.75 -9.51
CA VAL A 1176 -13.13 29.82 -10.45
C VAL A 1176 -12.12 28.72 -10.22
N ASN A 1177 -11.71 28.51 -8.97
CA ASN A 1177 -10.62 27.59 -8.64
C ASN A 1177 -11.05 26.14 -8.52
N TYR A 1178 -12.18 25.77 -9.10
CA TYR A 1178 -12.64 24.39 -9.10
C TYR A 1178 -11.82 23.62 -10.13
N GLN A 1179 -10.79 22.90 -9.65
CA GLN A 1179 -9.88 22.18 -10.53
C GLN A 1179 -10.50 20.82 -10.90
N GLY A 1180 -11.35 20.86 -11.92
CA GLY A 1180 -11.98 19.65 -12.40
C GLY A 1180 -12.17 19.60 -13.90
N ARG A 1181 -11.44 20.42 -14.64
CA ARG A 1181 -11.61 20.42 -16.10
C ARG A 1181 -10.91 19.25 -16.78
N PRO A 1182 -9.60 18.99 -16.60
CA PRO A 1182 -8.97 17.91 -17.39
C PRO A 1182 -8.89 16.56 -16.68
N PHE A 1183 -9.32 16.50 -15.41
CA PHE A 1183 -9.17 15.28 -14.62
C PHE A 1183 -10.47 14.75 -14.05
N ARG A 1184 -11.45 15.61 -13.78
CA ARG A 1184 -12.73 15.19 -13.24
C ARG A 1184 -13.84 15.75 -14.11
N GLU A 1185 -15.07 15.67 -13.63
CA GLU A 1185 -16.18 16.26 -14.37
C GLU A 1185 -16.13 17.77 -14.30
N SER A 1186 -16.59 18.42 -15.36
CA SER A 1186 -16.58 19.88 -15.41
C SER A 1186 -17.66 20.45 -14.50
N LEU A 1187 -17.62 21.78 -14.33
CA LEU A 1187 -18.51 22.44 -13.37
C LEU A 1187 -19.96 22.38 -13.83
N SER A 1188 -20.23 22.71 -15.10
CA SER A 1188 -21.59 22.77 -15.60
C SER A 1188 -22.19 21.41 -15.91
N GLU A 1189 -21.38 20.36 -16.01
CA GLU A 1189 -21.90 19.03 -16.34
C GLU A 1189 -22.62 18.38 -15.17
N ASN A 1190 -22.36 18.81 -13.95
CA ASN A 1190 -23.04 18.29 -12.77
C ASN A 1190 -23.85 19.39 -12.13
N LYS A 1191 -25.13 19.11 -11.88
CA LYS A 1191 -26.04 20.10 -11.31
C LYS A 1191 -25.82 20.32 -9.82
N GLY A 1192 -25.17 19.37 -9.13
CA GLY A 1192 -25.14 19.39 -7.67
C GLY A 1192 -24.46 20.62 -7.10
N MET A 1193 -23.37 21.07 -7.73
CA MET A 1193 -22.71 22.30 -7.30
C MET A 1193 -23.05 23.48 -8.19
N PHE A 1194 -23.36 23.25 -9.47
CA PHE A 1194 -23.70 24.36 -10.36
C PHE A 1194 -24.99 25.04 -9.93
N TYR A 1195 -26.01 24.27 -9.56
CA TYR A 1195 -27.26 24.86 -9.09
C TYR A 1195 -27.07 25.65 -7.81
N GLY A 1196 -26.24 25.14 -6.90
CA GLY A 1196 -25.96 25.87 -5.67
C GLY A 1196 -25.22 27.17 -5.92
N ILE A 1197 -24.21 27.14 -6.80
CA ILE A 1197 -23.48 28.36 -7.14
C ILE A 1197 -24.40 29.37 -7.80
N VAL A 1198 -25.25 28.91 -8.73
CA VAL A 1198 -26.18 29.81 -9.41
C VAL A 1198 -27.16 30.42 -8.42
N GLY A 1199 -27.68 29.61 -7.50
CA GLY A 1199 -28.62 30.13 -6.51
C GLY A 1199 -28.00 31.14 -5.56
N VAL A 1200 -26.78 30.86 -5.08
CA VAL A 1200 -26.13 31.78 -4.17
C VAL A 1200 -25.79 33.10 -4.89
N THR A 1201 -25.30 33.02 -6.13
CA THR A 1201 -25.02 34.23 -6.89
C THR A 1201 -26.29 35.02 -7.16
N ALA A 1202 -27.39 34.34 -7.47
CA ALA A 1202 -28.66 35.02 -7.70
C ALA A 1202 -29.16 35.71 -6.44
N ILE A 1203 -29.03 35.05 -5.29
CA ILE A 1203 -29.45 35.65 -4.02
C ILE A 1203 -28.60 36.88 -3.71
N ALA A 1204 -27.29 36.76 -3.90
CA ALA A 1204 -26.40 37.89 -3.61
C ALA A 1204 -26.67 39.07 -4.55
N PHE A 1205 -26.91 38.79 -5.84
CA PHE A 1205 -27.18 39.87 -6.78
C PHE A 1205 -28.56 40.49 -6.56
N ALA A 1206 -29.54 39.69 -6.11
CA ALA A 1206 -30.84 40.24 -5.76
C ALA A 1206 -30.73 41.14 -4.53
N CYS A 1207 -29.88 40.76 -3.57
CA CYS A 1207 -29.60 41.65 -2.45
C CYS A 1207 -28.90 42.92 -2.92
N SER A 1208 -27.99 42.80 -3.88
CA SER A 1208 -27.29 43.96 -4.40
C SER A 1208 -28.22 44.86 -5.21
N THR A 1209 -29.13 44.26 -5.99
CA THR A 1209 -30.03 45.02 -6.84
C THR A 1209 -31.31 45.45 -6.13
N GLU A 1210 -31.43 45.16 -4.83
CA GLU A 1210 -32.53 45.63 -3.99
C GLU A 1210 -33.89 45.14 -4.48
N MET A 1211 -33.92 43.95 -5.08
CA MET A 1211 -35.20 43.41 -5.55
C MET A 1211 -36.09 42.97 -4.39
N LEU A 1212 -35.50 42.44 -3.32
CA LEU A 1212 -36.26 42.04 -2.14
C LEU A 1212 -35.84 42.90 -0.95
N PRO A 1213 -36.62 43.91 -0.57
CA PRO A 1213 -36.22 44.76 0.55
C PRO A 1213 -36.24 44.05 1.89
N GLU A 1214 -37.09 43.02 2.06
CA GLU A 1214 -37.10 42.26 3.30
C GLU A 1214 -35.80 41.50 3.50
N LEU A 1215 -35.27 40.90 2.43
CA LEU A 1215 -33.96 40.25 2.50
C LEU A 1215 -32.86 41.26 2.76
N ASN A 1216 -32.98 42.47 2.20
CA ASN A 1216 -31.99 43.51 2.46
C ASN A 1216 -32.01 43.94 3.93
N GLU A 1217 -33.19 44.04 4.52
CA GLU A 1217 -33.31 44.41 5.92
C GLU A 1217 -33.04 43.25 6.87
N ALA A 1218 -33.02 42.02 6.37
CA ALA A 1218 -32.65 40.89 7.21
C ALA A 1218 -31.18 40.96 7.62
N MET A 1219 -30.31 41.40 6.70
CA MET A 1219 -28.89 41.54 6.97
C MET A 1219 -28.49 42.99 7.24
N LYS A 1220 -29.46 43.86 7.50
CA LYS A 1220 -29.23 45.27 7.85
C LYS A 1220 -28.46 46.01 6.76
N LEU A 1221 -28.95 45.93 5.52
CA LEU A 1221 -28.32 46.63 4.42
C LEU A 1221 -28.97 47.99 4.20
N VAL A 1222 -28.17 48.94 3.72
CA VAL A 1222 -28.61 50.31 3.51
C VAL A 1222 -29.20 50.44 2.10
N PRO A 1223 -30.09 51.40 1.85
CA PRO A 1223 -30.52 51.65 0.48
C PRO A 1223 -29.39 52.22 -0.37
N PHE A 1224 -29.44 51.91 -1.66
CA PHE A 1224 -28.41 52.31 -2.62
C PHE A 1224 -29.02 53.22 -3.68
N ASN A 1225 -28.19 54.11 -4.22
CA ASN A 1225 -28.57 54.84 -5.42
C ASN A 1225 -28.17 54.04 -6.66
N GLU A 1226 -28.80 54.37 -7.79
CA GLU A 1226 -28.69 53.56 -9.00
C GLU A 1226 -27.27 53.55 -9.56
N ASN A 1227 -26.59 54.70 -9.52
CA ASN A 1227 -25.22 54.78 -10.03
C ASN A 1227 -24.29 53.89 -9.24
N PHE A 1228 -24.44 53.86 -7.91
CA PHE A 1228 -23.62 53.00 -7.08
C PHE A 1228 -23.88 51.53 -7.36
N LYS A 1229 -25.15 51.16 -7.57
CA LYS A 1229 -25.48 49.78 -7.92
C LYS A 1229 -24.83 49.37 -9.24
N THR A 1230 -24.91 50.24 -10.25
CA THR A 1230 -24.31 49.93 -11.54
C THR A 1230 -22.79 49.81 -11.44
N ILE A 1231 -22.14 50.74 -10.72
CA ILE A 1231 -20.68 50.69 -10.63
C ILE A 1231 -20.24 49.48 -9.81
N MET A 1232 -21.02 49.08 -8.80
CA MET A 1232 -20.66 47.91 -8.01
C MET A 1232 -20.81 46.63 -8.83
N THR A 1233 -21.87 46.55 -9.64
CA THR A 1233 -22.04 45.39 -10.50
C THR A 1233 -20.90 45.29 -11.51
N THR A 1234 -20.51 46.42 -12.10
CA THR A 1234 -19.39 46.39 -13.04
C THR A 1234 -18.08 46.00 -12.36
N VAL A 1235 -17.85 46.48 -11.14
CA VAL A 1235 -16.63 46.11 -10.41
C VAL A 1235 -16.60 44.62 -10.13
N MET A 1236 -17.74 44.04 -9.70
CA MET A 1236 -17.79 42.61 -9.43
C MET A 1236 -17.56 41.79 -10.70
N ILE A 1237 -18.16 42.21 -11.82
CA ILE A 1237 -17.96 41.50 -13.08
C ILE A 1237 -16.50 41.55 -13.51
N ILE A 1238 -15.87 42.72 -13.39
CA ILE A 1238 -14.47 42.88 -13.76
C ILE A 1238 -13.59 42.00 -12.89
N ASP A 1239 -13.88 41.96 -11.59
CA ASP A 1239 -13.12 41.11 -10.67
C ASP A 1239 -13.20 39.65 -11.06
N PHE A 1240 -14.41 39.15 -11.34
CA PHE A 1240 -14.57 37.76 -11.73
C PHE A 1240 -13.85 37.45 -13.04
N VAL A 1241 -13.97 38.33 -14.03
CA VAL A 1241 -13.34 38.08 -15.33
C VAL A 1241 -11.82 38.07 -15.19
N ALA A 1242 -11.26 39.02 -14.43
CA ALA A 1242 -9.80 39.07 -14.25
C ALA A 1242 -9.29 37.84 -13.53
N CYS A 1243 -9.99 37.40 -12.48
CA CYS A 1243 -9.57 36.20 -11.76
C CYS A 1243 -9.61 34.97 -12.66
N TYR A 1244 -10.69 34.84 -13.45
CA TYR A 1244 -10.81 33.69 -14.34
C TYR A 1244 -9.72 33.68 -15.41
N VAL A 1245 -9.43 34.86 -15.98
CA VAL A 1245 -8.40 34.93 -17.03
C VAL A 1245 -7.03 34.59 -16.47
N ILE A 1246 -6.70 35.12 -15.28
CA ILE A 1246 -5.40 34.83 -14.68
C ILE A 1246 -5.27 33.34 -14.36
N GLU A 1247 -6.31 32.75 -13.78
CA GLU A 1247 -6.27 31.33 -13.45
C GLU A 1247 -6.15 30.47 -14.70
N TRP A 1248 -6.89 30.80 -15.76
CA TRP A 1248 -6.82 30.03 -17.00
C TRP A 1248 -5.44 30.11 -17.64
N VAL A 1249 -4.85 31.30 -17.68
CA VAL A 1249 -3.53 31.47 -18.27
C VAL A 1249 -2.49 30.67 -17.49
N LEU A 1250 -2.53 30.78 -16.14
CA LEU A 1250 -1.52 30.08 -15.34
C LEU A 1250 -1.71 28.57 -15.38
N LYS A 1251 -2.96 28.10 -15.47
CA LYS A 1251 -3.19 26.66 -15.61
C LYS A 1251 -2.70 26.14 -16.95
N LYS A 1252 -2.98 26.88 -18.04
CA LYS A 1252 -2.49 26.44 -19.34
C LYS A 1252 -0.98 26.57 -19.46
N LEU A 1253 -0.34 27.38 -18.61
CA LEU A 1253 1.10 27.55 -18.73
C LEU A 1253 1.90 26.61 -17.83
N PHE A 1254 1.63 26.59 -16.53
CA PHE A 1254 2.53 25.95 -15.57
C PHE A 1254 1.98 24.73 -14.86
N SER A 1255 0.75 24.30 -15.15
CA SER A 1255 0.18 23.17 -14.42
C SER A 1255 0.75 21.83 -14.85
N ASP A 1256 1.10 21.69 -16.13
CA ASP A 1256 1.53 20.41 -16.67
C ASP A 1256 2.93 20.08 -16.19
N LEU A 1257 3.04 19.04 -15.36
CA LEU A 1257 4.33 18.48 -15.01
C LEU A 1257 4.74 17.51 -16.11
N ARG A 1258 5.91 17.75 -16.71
CA ARG A 1258 6.31 17.00 -17.89
C ARG A 1258 6.62 15.55 -17.55
N ALA A 1259 6.47 14.69 -18.55
CA ALA A 1259 6.86 13.29 -18.41
C ALA A 1259 8.38 13.17 -18.30
N ARG A 1260 8.83 12.11 -17.64
CA ARG A 1260 10.26 11.89 -17.49
C ARG A 1260 10.88 11.49 -18.83
N ASP A 1261 12.22 11.42 -18.84
CA ASP A 1261 12.93 11.06 -20.06
C ASP A 1261 12.70 9.60 -20.46
N ILE A 1262 12.34 8.74 -19.50
CA ILE A 1262 12.11 7.34 -19.82
C ILE A 1262 10.72 7.12 -20.41
N ALA A 1263 9.80 8.05 -20.24
CA ALA A 1263 8.43 7.88 -20.72
C ALA A 1263 8.15 8.66 -22.00
N GLU A 1264 9.12 9.38 -22.53
CA GLU A 1264 8.90 10.16 -23.74
C GLU A 1264 8.86 9.25 -24.95
N ARG A 1265 7.96 9.56 -25.89
CA ARG A 1265 7.70 8.74 -27.05
C ARG A 1265 8.24 9.40 -28.32
N ARG A 1266 8.69 8.57 -29.25
CA ARG A 1266 9.14 9.04 -30.55
C ARG A 1266 7.95 9.55 -31.35
N PRO A 1267 8.17 10.47 -32.30
CA PRO A 1267 7.05 11.03 -33.07
C PRO A 1267 6.27 10.01 -33.89
N ASP A 1268 6.89 8.88 -34.27
CA ASP A 1268 6.17 7.86 -35.01
C ASP A 1268 5.05 7.25 -34.18
N GLN A 1269 5.32 6.96 -32.90
CA GLN A 1269 4.29 6.40 -32.03
C GLN A 1269 3.18 7.42 -31.76
N LEU A 1270 3.53 8.69 -31.61
CA LEU A 1270 2.52 9.73 -31.45
C LEU A 1270 1.63 9.85 -32.68
N GLU A 1271 2.24 9.78 -33.88
CA GLU A 1271 1.46 9.82 -35.11
C GLU A 1271 0.54 8.60 -35.21
N ARG A 1272 1.03 7.42 -34.84
CA ARG A 1272 0.21 6.22 -34.88
C ARG A 1272 -0.97 6.34 -33.91
N GLU A 1273 -0.71 6.86 -32.70
CA GLU A 1273 -1.78 7.06 -31.73
C GLU A 1273 -2.81 8.05 -32.23
N ARG A 1274 -2.36 9.14 -32.85
CA ARG A 1274 -3.29 10.14 -33.37
C ARG A 1274 -4.14 9.57 -34.51
N VAL A 1275 -3.52 8.81 -35.41
CA VAL A 1275 -4.26 8.21 -36.52
C VAL A 1275 -5.28 7.21 -36.00
N ARG A 1276 -4.89 6.36 -35.04
CA ARG A 1276 -5.81 5.38 -34.49
C ARG A 1276 -6.96 6.05 -33.75
N LYS A 1277 -6.68 7.13 -33.01
CA LYS A 1277 -7.74 7.84 -32.30
C LYS A 1277 -8.70 8.52 -33.27
N GLU A 1278 -8.17 9.10 -34.36
CA GLU A 1278 -9.03 9.70 -35.37
C GLU A 1278 -9.91 8.64 -36.05
N LYS A 1279 -9.34 7.47 -36.34
CA LYS A 1279 -10.12 6.39 -36.93
C LYS A 1279 -11.21 5.91 -35.98
N GLU A 1280 -10.89 5.79 -34.69
CA GLU A 1280 -11.89 5.40 -33.71
C GLU A 1280 -13.00 6.44 -33.60
N ALA A 1281 -12.64 7.73 -33.62
CA ALA A 1281 -13.63 8.79 -33.56
C ALA A 1281 -14.54 8.78 -34.79
N ARG A 1282 -13.96 8.51 -35.98
CA ARG A 1282 -14.77 8.42 -37.19
C ARG A 1282 -15.69 7.21 -37.14
N GLU A 1283 -15.20 6.07 -36.64
CA GLU A 1283 -15.99 4.84 -36.60
C GLU A 1283 -16.91 4.76 -35.39
N LYS A 1284 -16.90 5.77 -34.51
CA LYS A 1284 -17.81 5.77 -33.38
C LYS A 1284 -19.26 5.83 -33.84
N GLU A 1285 -19.56 6.65 -34.84
CA GLU A 1285 -20.91 6.73 -35.40
C GLU A 1285 -20.87 6.80 -36.91
PB ADP B . 6.93 -18.36 -14.62
O1B ADP B . 6.90 -19.53 -15.57
O2B ADP B . 5.57 -17.88 -14.19
O3B ADP B . 7.83 -17.23 -15.05
PA ADP B . 9.14 -19.34 -13.17
O1A ADP B . 9.37 -19.99 -11.82
O2A ADP B . 9.99 -18.17 -13.55
O3A ADP B . 7.58 -18.95 -13.28
O5' ADP B . 9.30 -20.47 -14.30
C5' ADP B . 10.61 -20.82 -14.78
C4' ADP B . 10.51 -22.08 -15.61
O4' ADP B . 10.01 -23.15 -14.81
C3' ADP B . 9.56 -21.93 -16.79
O3' ADP B . 10.29 -21.93 -18.00
C2' ADP B . 8.65 -23.15 -16.74
O2' ADP B . 8.77 -23.87 -17.96
C1' ADP B . 9.15 -23.98 -15.58
N9 ADP B . 8.01 -24.44 -14.75
C8 ADP B . 7.04 -23.67 -14.23
N7 ADP B . 6.15 -24.41 -13.52
C5 ADP B . 6.55 -25.68 -13.59
C6 ADP B . 6.07 -26.98 -13.06
N6 ADP B . 4.94 -27.06 -12.30
N1 ADP B . 6.78 -28.09 -13.36
C2 ADP B . 7.90 -28.03 -14.11
N3 ADP B . 8.39 -26.88 -14.62
C4 ADP B . 7.77 -25.71 -14.39
AL ALF C . 6.15 -15.20 -14.15
F1 ALF C . 5.26 -15.86 -15.54
F2 ALF C . 7.04 -14.51 -12.76
F3 ALF C . 4.68 -15.35 -13.14
F4 ALF C . 7.61 -15.04 -15.16
MG MG D . 4.04 -19.41 -11.05
MG MG E . 3.28 -14.51 -11.95
#